data_3QJ8
#
_entry.id   3QJ8
#
_cell.length_a   91.540
_cell.length_b   104.620
_cell.length_c   148.320
_cell.angle_alpha   90.000
_cell.angle_beta   90.000
_cell.angle_gamma   90.000
#
_symmetry.space_group_name_H-M   'P 21 21 21'
#
loop_
_entity.id
_entity.type
_entity.pdbx_description
1 polymer 'Fatty-acid amide hydrolase 1'
2 water water
#
_entity_poly.entity_id   1
_entity_poly.type   'polypeptide(L)'
_entity_poly.pdbx_seq_one_letter_code
;MGGSHHHHHHGMASMTGGQQMGRDLYDDDDKDRWGSELETGRQKARGAATRARQKQRASLETMDKAVQRFRLQNPDLDSE
ALLTLPLLQLVQKLQSGELSPEAVFFTYLGKAWEVNKGTNCVTSYLTDCETQLSQAPRQGLLYGVPVSLKECFSYKGHDS
TLGLSLNEGMPSESDCVVVQVLKLQGAVPFVHTNVPQSMLSFDCSNPLFGQTMNPWKSSKSPGGSSGGEGALIGSGGSPL
GLGTDIGGSIRFPSAFCGICGLKPTGNRLSKSGLKGCVYGQTAVQLSLGPMARDVESLALCLKALLCEHLFTLDPTVPPL
PFREEVYRSSRPLRVGYYETDNYTMPSPAMRRALIETKQRLEAAGHTLIPFLPNNIPYALEVLSAGGLFSDGGRSFLQNF
KGDFVDPCLGDLILILRLPSWFKRLLSLLLKPLFPRLAAFLNSMRPRSAEKLWKLQHEIEMYRQSVIAQWKAMNLDVLLT
PMLGPALDLNTPGRATGAISYTVLYNCLDFPAGVVPVTTVTAEDDAQMELYKGYFGDIWDIILKKAMKNSVGLPVAVQCV
ALPWQEELCLRFMREVEQLMTPQKQPS
;
_entity_poly.pdbx_strand_id   A,B
#
# COMPACT_ATOMS: atom_id res chain seq x y z
N GLU A 37 -23.54 -2.12 -29.98
CA GLU A 37 -24.13 -3.29 -29.25
C GLU A 37 -25.66 -3.18 -29.15
N LEU A 38 -26.34 -4.29 -29.40
CA LEU A 38 -27.79 -4.35 -29.50
C LEU A 38 -28.50 -3.99 -28.19
N GLU A 39 -29.54 -3.16 -28.29
CA GLU A 39 -30.32 -2.75 -27.12
C GLU A 39 -31.13 -3.92 -26.56
N THR A 40 -31.01 -4.15 -25.25
CA THR A 40 -31.65 -5.28 -24.59
C THR A 40 -32.90 -4.89 -23.77
N GLY A 41 -33.20 -3.59 -23.72
CA GLY A 41 -34.36 -3.11 -22.99
C GLY A 41 -34.18 -3.09 -21.49
N ARG A 42 -35.29 -2.88 -20.77
CA ARG A 42 -35.25 -2.68 -19.33
C ARG A 42 -35.96 -3.80 -18.56
N GLN A 43 -36.41 -4.83 -19.28
CA GLN A 43 -37.23 -5.89 -18.70
C GLN A 43 -36.57 -6.63 -17.54
N LYS A 44 -35.32 -7.06 -17.76
CA LYS A 44 -34.55 -7.76 -16.74
C LYS A 44 -34.32 -6.86 -15.52
N ALA A 45 -34.12 -5.57 -15.78
CA ALA A 45 -33.91 -4.57 -14.73
C ALA A 45 -35.19 -4.31 -13.93
N ARG A 46 -36.32 -4.26 -14.63
CA ARG A 46 -37.61 -4.04 -13.99
C ARG A 46 -37.97 -5.19 -13.06
N GLY A 47 -37.74 -6.42 -13.51
CA GLY A 47 -38.00 -7.62 -12.72
C GLY A 47 -37.13 -7.70 -11.49
N ALA A 48 -35.89 -7.26 -11.61
CA ALA A 48 -34.94 -7.20 -10.50
C ALA A 48 -35.42 -6.24 -9.42
N ALA A 49 -35.91 -5.08 -9.84
CA ALA A 49 -36.40 -4.05 -8.93
C ALA A 49 -37.54 -4.55 -8.03
N THR A 50 -38.56 -5.15 -8.66
CA THR A 50 -39.70 -5.68 -7.90
C THR A 50 -39.30 -6.78 -6.91
N ARG A 51 -38.37 -7.64 -7.33
CA ARG A 51 -37.79 -8.67 -6.45
C ARG A 51 -37.05 -8.07 -5.27
N ALA A 52 -36.27 -7.02 -5.54
CA ALA A 52 -35.51 -6.30 -4.51
C ALA A 52 -36.43 -5.58 -3.52
N ARG A 53 -37.48 -4.95 -4.05
CA ARG A 53 -38.47 -4.27 -3.23
C ARG A 53 -39.24 -5.24 -2.32
N GLN A 54 -39.42 -6.48 -2.78
CA GLN A 54 -40.08 -7.52 -1.99
C GLN A 54 -39.20 -7.99 -0.84
N LYS A 55 -37.92 -8.25 -1.13
CA LYS A 55 -36.94 -8.59 -0.11
C LYS A 55 -36.86 -7.49 0.95
N GLN A 56 -37.08 -6.25 0.51
CA GLN A 56 -37.13 -5.11 1.42
C GLN A 56 -38.35 -5.18 2.35
N ARG A 57 -39.54 -5.38 1.78
CA ARG A 57 -40.77 -5.48 2.57
C ARG A 57 -40.75 -6.63 3.55
N ALA A 58 -40.28 -7.79 3.10
CA ALA A 58 -40.19 -8.99 3.93
C ALA A 58 -39.25 -8.79 5.12
N SER A 59 -38.12 -8.12 4.88
CA SER A 59 -37.16 -7.77 5.92
C SER A 59 -37.81 -6.97 7.05
N LEU A 60 -38.46 -5.88 6.66
CA LEU A 60 -39.17 -5.00 7.60
C LEU A 60 -40.30 -5.71 8.34
N GLU A 61 -40.99 -6.61 7.64
CA GLU A 61 -42.07 -7.38 8.22
C GLU A 61 -41.56 -8.38 9.26
N THR A 62 -40.38 -8.96 8.99
CA THR A 62 -39.74 -9.88 9.91
C THR A 62 -39.25 -9.15 11.16
N MET A 63 -38.69 -7.96 10.98
CA MET A 63 -38.24 -7.10 12.08
C MET A 63 -39.40 -6.76 13.01
N ASP A 64 -40.50 -6.30 12.41
CA ASP A 64 -41.70 -5.90 13.15
C ASP A 64 -42.29 -7.07 13.96
N LYS A 65 -42.43 -8.22 13.30
CA LYS A 65 -42.97 -9.41 13.95
C LYS A 65 -42.02 -9.98 15.00
N ALA A 66 -40.72 -9.70 14.86
CA ALA A 66 -39.74 -10.12 15.85
C ALA A 66 -39.74 -9.24 17.09
N VAL A 67 -39.97 -7.94 16.91
CA VAL A 67 -39.98 -7.00 18.04
C VAL A 67 -41.32 -6.99 18.78
N GLN A 68 -42.40 -7.29 18.07
CA GLN A 68 -43.72 -7.40 18.70
C GLN A 68 -43.80 -8.63 19.60
N ARG A 69 -43.12 -9.71 19.17
CA ARG A 69 -43.01 -10.91 19.98
C ARG A 69 -42.12 -10.72 21.22
N PHE A 70 -41.21 -9.74 21.15
CA PHE A 70 -40.34 -9.44 22.28
C PHE A 70 -41.06 -8.58 23.33
N ARG A 71 -41.88 -7.64 22.85
CA ARG A 71 -42.63 -6.76 23.73
C ARG A 71 -43.82 -7.45 24.40
N LEU A 72 -44.25 -8.57 23.82
CA LEU A 72 -45.28 -9.41 24.41
C LEU A 72 -44.72 -10.29 25.54
N GLN A 73 -43.42 -10.22 25.76
CA GLN A 73 -42.76 -10.97 26.83
C GLN A 73 -41.96 -10.07 27.77
N ASN A 74 -41.73 -8.82 27.34
CA ASN A 74 -41.04 -7.82 28.15
C ASN A 74 -41.64 -6.41 28.08
N PRO A 75 -42.85 -6.23 28.66
CA PRO A 75 -43.46 -4.89 28.66
C PRO A 75 -42.78 -3.95 29.64
N ASP A 76 -42.03 -4.53 30.57
CA ASP A 76 -41.32 -3.81 31.64
C ASP A 76 -40.20 -2.91 31.12
N LEU A 77 -39.66 -3.27 29.95
CA LEU A 77 -38.48 -2.62 29.37
C LEU A 77 -38.73 -1.16 29.01
N ASP A 78 -37.78 -0.31 29.39
CA ASP A 78 -37.84 1.12 29.07
C ASP A 78 -37.03 1.40 27.81
N SER A 79 -37.74 1.69 26.71
CA SER A 79 -37.11 1.93 25.41
C SER A 79 -36.27 3.20 25.39
N GLU A 80 -36.89 4.32 25.76
CA GLU A 80 -36.24 5.64 25.70
C GLU A 80 -35.00 5.76 26.58
N ALA A 81 -35.02 5.12 27.75
CA ALA A 81 -33.86 5.11 28.64
C ALA A 81 -32.70 4.33 28.01
N LEU A 82 -33.05 3.25 27.31
CA LEU A 82 -32.09 2.42 26.60
C LEU A 82 -31.50 3.14 25.39
N LEU A 83 -32.38 3.70 24.55
CA LEU A 83 -32.00 4.27 23.25
C LEU A 83 -31.20 5.57 23.31
N THR A 84 -31.26 6.26 24.44
CA THR A 84 -30.56 7.54 24.61
C THR A 84 -29.14 7.36 25.14
N LEU A 85 -28.87 6.19 25.74
CA LEU A 85 -27.55 5.88 26.27
C LEU A 85 -26.46 5.96 25.19
N PRO A 86 -25.32 6.60 25.52
CA PRO A 86 -24.16 6.59 24.63
C PRO A 86 -23.59 5.18 24.54
N LEU A 87 -22.93 4.87 23.43
CA LEU A 87 -22.45 3.52 23.16
C LEU A 87 -21.48 2.98 24.23
N LEU A 88 -20.72 3.88 24.84
CA LEU A 88 -19.74 3.51 25.86
C LEU A 88 -20.40 2.94 27.11
N GLN A 89 -21.48 3.58 27.55
CA GLN A 89 -22.25 3.13 28.72
C GLN A 89 -23.06 1.89 28.37
N LEU A 90 -23.64 1.89 27.18
CA LEU A 90 -24.39 0.76 26.66
C LEU A 90 -23.54 -0.51 26.68
N VAL A 91 -22.33 -0.43 26.13
CA VAL A 91 -21.44 -1.59 26.01
C VAL A 91 -20.95 -2.11 27.36
N GLN A 92 -20.76 -1.21 28.32
CA GLN A 92 -20.27 -1.58 29.64
C GLN A 92 -21.39 -2.09 30.56
N LYS A 93 -22.63 -1.82 30.18
CA LYS A 93 -23.80 -2.41 30.85
C LYS A 93 -24.08 -3.81 30.31
N LEU A 94 -23.84 -4.01 29.01
CA LEU A 94 -23.89 -5.34 28.40
C LEU A 94 -22.86 -6.27 29.03
N GLN A 95 -21.74 -5.70 29.46
CA GLN A 95 -20.65 -6.46 30.07
C GLN A 95 -20.96 -6.82 31.52
N SER A 96 -21.47 -5.84 32.27
CA SER A 96 -21.78 -6.01 33.70
C SER A 96 -22.98 -6.93 33.95
N GLY A 97 -23.81 -7.12 32.92
CA GLY A 97 -25.01 -7.94 33.03
C GLY A 97 -26.26 -7.16 33.39
N GLU A 98 -26.10 -5.86 33.62
CA GLU A 98 -27.21 -4.96 33.90
C GLU A 98 -28.19 -4.89 32.73
N LEU A 99 -27.70 -5.19 31.53
CA LEU A 99 -28.54 -5.27 30.33
C LEU A 99 -28.26 -6.55 29.57
N SER A 100 -29.33 -7.25 29.21
CA SER A 100 -29.23 -8.46 28.40
C SER A 100 -29.08 -8.07 26.93
N PRO A 101 -28.31 -8.85 26.17
CA PRO A 101 -28.11 -8.61 24.73
C PRO A 101 -29.40 -8.67 23.92
N GLU A 102 -30.41 -9.38 24.44
CA GLU A 102 -31.72 -9.47 23.80
C GLU A 102 -32.47 -8.16 23.94
N ALA A 103 -32.30 -7.51 25.09
CA ALA A 103 -32.97 -6.24 25.39
C ALA A 103 -32.52 -5.13 24.44
N VAL A 104 -31.20 -4.98 24.32
CA VAL A 104 -30.61 -3.92 23.49
C VAL A 104 -30.86 -4.15 22.00
N PHE A 105 -30.86 -5.42 21.60
CA PHE A 105 -31.05 -5.79 20.20
C PHE A 105 -32.45 -5.45 19.70
N PHE A 106 -33.47 -5.87 20.45
CA PHE A 106 -34.85 -5.72 20.01
C PHE A 106 -35.40 -4.31 20.18
N THR A 107 -34.79 -3.53 21.06
CA THR A 107 -35.13 -2.11 21.18
C THR A 107 -34.62 -1.33 19.96
N TYR A 108 -33.34 -1.50 19.64
CA TYR A 108 -32.74 -0.85 18.47
C TYR A 108 -33.34 -1.34 17.15
N LEU A 109 -33.70 -2.62 17.10
CA LEU A 109 -34.35 -3.20 15.93
C LEU A 109 -35.71 -2.55 15.72
N GLY A 110 -36.39 -2.26 16.83
CA GLY A 110 -37.67 -1.57 16.84
C GLY A 110 -37.53 -0.10 16.45
N LYS A 111 -36.50 0.55 16.98
CA LYS A 111 -36.20 1.93 16.61
C LYS A 111 -35.88 2.04 15.12
N ALA A 112 -35.09 1.08 14.62
CA ALA A 112 -34.69 1.02 13.22
C ALA A 112 -35.90 0.91 12.29
N TRP A 113 -36.87 0.10 12.69
CA TRP A 113 -38.10 -0.07 11.93
C TRP A 113 -38.86 1.26 11.82
N GLU A 114 -38.97 1.97 12.96
CA GLU A 114 -39.69 3.23 13.04
C GLU A 114 -39.08 4.36 12.21
N VAL A 115 -37.76 4.55 12.34
CA VAL A 115 -37.08 5.62 11.59
C VAL A 115 -37.03 5.34 10.09
N ASN A 116 -37.16 4.07 9.73
CA ASN A 116 -37.14 3.65 8.32
C ASN A 116 -38.38 4.11 7.56
N LYS A 117 -39.50 4.25 8.27
CA LYS A 117 -40.76 4.66 7.65
C LYS A 117 -40.69 6.08 7.06
N GLY A 118 -39.84 6.93 7.62
CA GLY A 118 -39.67 8.30 7.15
C GLY A 118 -38.42 8.55 6.31
N THR A 119 -37.44 7.65 6.42
CA THR A 119 -36.14 7.84 5.75
C THR A 119 -35.86 6.88 4.60
N ASN A 120 -36.35 5.64 4.70
CA ASN A 120 -36.09 4.58 3.71
C ASN A 120 -34.60 4.26 3.58
N CYS A 121 -33.99 3.91 4.71
CA CYS A 121 -32.54 3.71 4.79
C CYS A 121 -32.12 2.24 4.82
N VAL A 122 -33.05 1.36 5.22
CA VAL A 122 -32.78 -0.08 5.30
C VAL A 122 -33.19 -0.79 4.00
N THR A 123 -32.28 -1.59 3.44
CA THR A 123 -32.60 -2.40 2.26
C THR A 123 -32.91 -3.84 2.62
N SER A 124 -32.25 -4.36 3.65
CA SER A 124 -32.39 -5.76 4.03
C SER A 124 -32.10 -5.98 5.52
N TYR A 125 -32.85 -6.91 6.10
CA TYR A 125 -32.62 -7.38 7.47
C TYR A 125 -31.83 -8.68 7.38
N LEU A 126 -30.74 -8.75 8.14
CA LEU A 126 -29.86 -9.92 8.09
C LEU A 126 -30.51 -11.09 8.82
N THR A 127 -30.98 -12.07 8.05
CA THR A 127 -31.84 -13.15 8.53
C THR A 127 -31.27 -13.94 9.72
N ASP A 128 -30.01 -14.37 9.59
CA ASP A 128 -29.37 -15.20 10.61
C ASP A 128 -28.63 -14.41 11.71
N CYS A 129 -29.07 -13.18 11.97
CA CYS A 129 -28.44 -12.35 12.99
C CYS A 129 -28.87 -12.74 14.41
N GLU A 130 -30.03 -13.38 14.53
CA GLU A 130 -30.54 -13.82 15.83
C GLU A 130 -29.76 -15.01 16.37
N THR A 131 -29.23 -15.83 15.47
CA THR A 131 -28.38 -16.95 15.85
C THR A 131 -26.97 -16.48 16.24
N GLN A 132 -26.62 -15.28 15.78
CA GLN A 132 -25.36 -14.63 16.17
C GLN A 132 -25.49 -14.02 17.57
N LEU A 133 -26.70 -13.55 17.89
CA LEU A 133 -27.01 -12.96 19.19
C LEU A 133 -26.67 -13.89 20.35
N SER A 134 -27.00 -15.18 20.19
CA SER A 134 -26.71 -16.18 21.20
C SER A 134 -25.25 -16.64 21.18
N GLN A 135 -24.66 -16.66 19.98
CA GLN A 135 -23.27 -17.10 19.80
C GLN A 135 -22.22 -16.04 20.15
N ALA A 136 -22.66 -14.78 20.23
CA ALA A 136 -21.76 -13.64 20.48
C ALA A 136 -20.79 -13.89 21.65
N PRO A 137 -19.47 -13.77 21.39
CA PRO A 137 -18.44 -13.96 22.43
C PRO A 137 -18.58 -12.94 23.55
N ARG A 138 -18.73 -13.44 24.78
CA ARG A 138 -19.00 -12.60 25.94
C ARG A 138 -17.85 -11.66 26.27
N GLN A 139 -16.63 -12.08 25.94
CA GLN A 139 -15.43 -11.27 26.19
C GLN A 139 -15.12 -10.28 25.06
N GLY A 140 -15.87 -10.39 23.96
CA GLY A 140 -15.70 -9.49 22.81
C GLY A 140 -15.92 -8.05 23.18
N LEU A 141 -15.08 -7.16 22.64
CA LEU A 141 -15.10 -5.74 22.98
C LEU A 141 -16.36 -5.00 22.54
N LEU A 142 -17.11 -5.58 21.60
CA LEU A 142 -18.37 -5.00 21.15
C LEU A 142 -19.55 -5.93 21.44
N TYR A 143 -19.46 -6.65 22.56
CA TYR A 143 -20.45 -7.65 22.95
C TYR A 143 -21.87 -7.10 23.01
N GLY A 144 -22.75 -7.69 22.19
CA GLY A 144 -24.17 -7.34 22.16
C GLY A 144 -24.49 -5.97 21.58
N VAL A 145 -23.54 -5.38 20.86
CA VAL A 145 -23.75 -4.10 20.19
C VAL A 145 -24.30 -4.35 18.78
N PRO A 146 -25.52 -3.84 18.50
CA PRO A 146 -26.12 -3.95 17.18
C PRO A 146 -25.39 -3.01 16.21
N VAL A 147 -24.93 -3.57 15.10
CA VAL A 147 -24.12 -2.81 14.14
C VAL A 147 -24.80 -2.82 12.77
N SER A 148 -24.87 -1.63 12.15
CA SER A 148 -25.44 -1.49 10.81
C SER A 148 -24.35 -1.51 9.75
N LEU A 149 -24.63 -2.15 8.62
CA LEU A 149 -23.67 -2.24 7.52
C LEU A 149 -24.19 -1.59 6.25
N LYS A 150 -23.33 -0.78 5.62
CA LYS A 150 -23.53 -0.31 4.26
C LYS A 150 -23.67 -1.54 3.35
N GLU A 151 -24.55 -1.44 2.35
CA GLU A 151 -24.90 -2.60 1.53
C GLU A 151 -23.72 -3.29 0.84
N CYS A 152 -22.66 -2.54 0.56
CA CYS A 152 -21.49 -3.08 -0.13
C CYS A 152 -20.72 -4.15 0.67
N PHE A 153 -20.81 -4.10 2.00
CA PHE A 153 -20.26 -5.15 2.85
C PHE A 153 -21.02 -6.45 2.64
N SER A 154 -20.32 -7.49 2.16
CA SER A 154 -20.97 -8.75 1.84
C SER A 154 -21.23 -9.62 3.08
N TYR A 155 -22.44 -10.16 3.13
CA TYR A 155 -22.93 -10.97 4.25
C TYR A 155 -23.46 -12.27 3.67
N LYS A 156 -23.06 -13.39 4.27
CA LYS A 156 -23.42 -14.73 3.79
C LYS A 156 -24.92 -14.85 3.43
N GLY A 157 -25.17 -15.31 2.21
CA GLY A 157 -26.53 -15.53 1.72
C GLY A 157 -27.34 -14.26 1.45
N HIS A 158 -26.63 -13.15 1.20
CA HIS A 158 -27.29 -11.88 0.93
C HIS A 158 -26.72 -11.18 -0.30
N ASP A 159 -27.57 -10.42 -0.97
CA ASP A 159 -27.18 -9.61 -2.13
C ASP A 159 -26.42 -8.36 -1.71
N SER A 160 -25.37 -8.05 -2.45
CA SER A 160 -24.76 -6.72 -2.42
C SER A 160 -25.01 -6.09 -3.78
N THR A 161 -26.18 -5.48 -3.92
CA THR A 161 -26.69 -5.02 -5.21
C THR A 161 -25.98 -3.77 -5.74
N LEU A 162 -25.62 -2.87 -4.83
CA LEU A 162 -25.10 -1.53 -5.18
C LEU A 162 -26.12 -0.71 -5.98
N GLY A 163 -27.39 -1.10 -5.89
CA GLY A 163 -28.44 -0.50 -6.70
C GLY A 163 -28.39 -0.92 -8.15
N LEU A 164 -27.49 -1.86 -8.46
CA LEU A 164 -27.26 -2.33 -9.82
C LEU A 164 -28.05 -3.61 -10.07
N SER A 165 -28.87 -3.57 -11.11
CA SER A 165 -29.74 -4.71 -11.48
C SER A 165 -28.98 -6.01 -11.66
N LEU A 166 -27.85 -5.97 -12.37
CA LEU A 166 -27.07 -7.18 -12.67
C LEU A 166 -26.48 -7.86 -11.43
N ASN A 167 -26.57 -7.19 -10.27
CA ASN A 167 -26.07 -7.74 -9.02
C ASN A 167 -27.15 -8.35 -8.11
N GLU A 168 -28.41 -8.26 -8.54
CA GLU A 168 -29.50 -8.84 -7.74
C GLU A 168 -29.73 -10.31 -8.12
N GLY A 169 -30.04 -11.12 -7.12
CA GLY A 169 -30.15 -12.57 -7.29
C GLY A 169 -28.76 -13.20 -7.27
N MET A 170 -27.89 -12.64 -6.43
CA MET A 170 -26.49 -13.03 -6.40
C MET A 170 -25.97 -13.07 -4.96
N PRO A 171 -26.54 -13.98 -4.12
CA PRO A 171 -26.15 -13.97 -2.70
C PRO A 171 -24.68 -14.29 -2.48
N SER A 172 -24.05 -13.53 -1.59
CA SER A 172 -22.65 -13.73 -1.24
C SER A 172 -22.43 -15.09 -0.55
N GLU A 173 -21.33 -15.76 -0.90
CA GLU A 173 -20.97 -17.05 -0.30
C GLU A 173 -20.50 -16.92 1.14
N SER A 174 -19.87 -15.78 1.45
CA SER A 174 -19.23 -15.57 2.75
C SER A 174 -19.53 -14.20 3.34
N ASP A 175 -19.32 -14.09 4.65
CA ASP A 175 -19.20 -12.78 5.30
C ASP A 175 -17.84 -12.22 4.89
N CYS A 176 -17.76 -10.92 4.64
CA CYS A 176 -16.47 -10.28 4.34
C CYS A 176 -15.65 -10.20 5.62
N VAL A 177 -14.35 -9.91 5.50
CA VAL A 177 -13.43 -9.96 6.63
C VAL A 177 -13.91 -9.13 7.82
N VAL A 178 -14.27 -7.87 7.58
CA VAL A 178 -14.69 -7.00 8.69
C VAL A 178 -15.96 -7.48 9.40
N VAL A 179 -16.91 -8.02 8.65
CA VAL A 179 -18.11 -8.63 9.23
C VAL A 179 -17.71 -9.76 10.20
N GLN A 180 -16.86 -10.67 9.74
CA GLN A 180 -16.32 -11.75 10.56
C GLN A 180 -15.67 -11.25 11.85
N VAL A 181 -14.90 -10.17 11.76
CA VAL A 181 -14.21 -9.63 12.94
C VAL A 181 -15.17 -8.91 13.89
N LEU A 182 -16.20 -8.28 13.34
CA LEU A 182 -17.26 -7.67 14.16
C LEU A 182 -17.95 -8.77 14.97
N LYS A 183 -18.34 -9.84 14.30
CA LYS A 183 -18.98 -11.00 14.93
C LYS A 183 -18.08 -11.62 16.02
N LEU A 184 -16.80 -11.76 15.72
CA LEU A 184 -15.81 -12.31 16.66
C LEU A 184 -15.60 -11.41 17.88
N GLN A 185 -15.91 -10.13 17.73
CA GLN A 185 -15.80 -9.18 18.83
C GLN A 185 -17.14 -8.97 19.55
N GLY A 186 -18.05 -9.93 19.41
CA GLY A 186 -19.33 -9.90 20.11
C GLY A 186 -20.41 -9.00 19.51
N ALA A 187 -20.10 -8.36 18.40
CA ALA A 187 -21.06 -7.46 17.73
C ALA A 187 -22.13 -8.24 16.98
N VAL A 188 -23.25 -7.58 16.74
CA VAL A 188 -24.38 -8.18 16.02
C VAL A 188 -24.74 -7.30 14.81
N PRO A 189 -24.23 -7.66 13.62
CA PRO A 189 -24.70 -6.99 12.40
C PRO A 189 -26.16 -7.35 12.16
N PHE A 190 -26.99 -6.36 11.84
CA PHE A 190 -28.44 -6.60 11.74
C PHE A 190 -29.14 -6.05 10.50
N VAL A 191 -28.55 -5.05 9.84
CA VAL A 191 -29.15 -4.46 8.63
C VAL A 191 -28.15 -4.10 7.53
N HIS A 192 -28.62 -4.13 6.28
CA HIS A 192 -27.94 -3.51 5.15
C HIS A 192 -28.59 -2.18 4.85
N THR A 193 -27.79 -1.13 4.75
CA THR A 193 -28.33 0.21 4.52
C THR A 193 -28.16 0.67 3.07
N ASN A 194 -29.04 1.57 2.63
CA ASN A 194 -29.14 1.95 1.22
C ASN A 194 -27.97 2.77 0.69
N VAL A 195 -27.66 2.56 -0.59
CA VAL A 195 -26.62 3.30 -1.31
C VAL A 195 -27.23 3.96 -2.55
N PRO A 196 -26.56 5.00 -3.09
CA PRO A 196 -26.95 5.45 -4.42
C PRO A 196 -26.46 4.44 -5.44
N GLN A 197 -27.12 4.40 -6.61
CA GLN A 197 -26.79 3.42 -7.64
C GLN A 197 -25.30 3.50 -8.01
N SER A 198 -24.62 2.36 -7.87
CA SER A 198 -23.19 2.23 -8.16
C SER A 198 -22.26 2.77 -7.07
N MET A 199 -22.78 3.62 -6.19
CA MET A 199 -22.01 4.22 -5.09
C MET A 199 -21.14 5.41 -5.51
N LEU A 200 -21.12 5.73 -6.80
CA LEU A 200 -20.32 6.86 -7.29
C LEU A 200 -21.14 8.15 -7.36
N SER A 201 -21.66 8.55 -6.19
CA SER A 201 -22.48 9.74 -6.01
C SER A 201 -22.53 10.04 -4.52
N PHE A 202 -22.74 11.30 -4.15
CA PHE A 202 -22.96 11.62 -2.74
C PHE A 202 -24.43 11.95 -2.41
N ASP A 203 -25.32 11.42 -3.25
CA ASP A 203 -26.75 11.37 -2.96
C ASP A 203 -27.06 9.93 -2.48
N CYS A 204 -28.33 9.54 -2.42
CA CYS A 204 -28.67 8.19 -1.95
C CYS A 204 -29.96 7.65 -2.55
N SER A 205 -29.93 7.37 -3.85
CA SER A 205 -31.07 6.81 -4.56
C SER A 205 -30.59 5.76 -5.56
N ASN A 206 -31.38 4.70 -5.71
CA ASN A 206 -31.11 3.66 -6.70
C ASN A 206 -32.38 2.99 -7.20
N PRO A 207 -32.41 2.57 -8.49
CA PRO A 207 -33.65 2.11 -9.13
C PRO A 207 -34.21 0.83 -8.54
N LEU A 208 -33.49 0.24 -7.58
CA LEU A 208 -33.90 -1.01 -6.95
C LEU A 208 -34.59 -0.80 -5.61
N PHE A 209 -33.93 -0.04 -4.72
CA PHE A 209 -34.42 0.14 -3.35
C PHE A 209 -35.00 1.53 -3.07
N GLY A 210 -34.98 2.39 -4.08
CA GLY A 210 -35.57 3.72 -3.98
C GLY A 210 -34.64 4.77 -3.40
N GLN A 211 -35.23 5.81 -2.82
CA GLN A 211 -34.49 6.98 -2.37
C GLN A 211 -34.49 7.15 -0.86
N THR A 212 -33.31 7.31 -0.29
CA THR A 212 -33.15 7.57 1.14
C THR A 212 -33.26 9.07 1.39
N MET A 213 -33.97 9.42 2.45
CA MET A 213 -34.22 10.82 2.81
C MET A 213 -33.57 11.20 4.13
N ASN A 214 -33.17 12.46 4.24
CA ASN A 214 -32.59 13.02 5.47
C ASN A 214 -33.62 13.03 6.61
N PRO A 215 -33.23 12.53 7.80
CA PRO A 215 -34.10 12.50 8.97
C PRO A 215 -34.42 13.87 9.57
N TRP A 216 -33.71 14.91 9.13
CA TRP A 216 -33.93 16.26 9.61
C TRP A 216 -34.88 17.03 8.70
N LYS A 217 -34.90 16.66 7.42
CA LYS A 217 -35.75 17.33 6.43
C LYS A 217 -36.00 16.41 5.24
N SER A 218 -37.27 16.18 4.92
CA SER A 218 -37.67 15.25 3.86
C SER A 218 -37.14 15.59 2.48
N SER A 219 -37.04 16.89 2.18
CA SER A 219 -36.59 17.37 0.88
C SER A 219 -35.07 17.26 0.66
N LYS A 220 -34.32 17.15 1.77
CA LYS A 220 -32.86 17.14 1.75
C LYS A 220 -32.26 15.72 1.61
N SER A 221 -31.04 15.65 1.09
CA SER A 221 -30.29 14.41 0.96
C SER A 221 -29.66 14.00 2.29
N PRO A 222 -29.56 12.67 2.55
CA PRO A 222 -28.83 12.21 3.73
C PRO A 222 -27.32 12.19 3.49
N GLY A 223 -26.91 12.38 2.25
CA GLY A 223 -25.50 12.26 1.88
C GLY A 223 -25.25 10.91 1.24
N GLY A 224 -24.01 10.66 0.84
CA GLY A 224 -23.66 9.40 0.18
C GLY A 224 -22.17 9.22 0.00
N SER A 225 -21.74 8.01 -0.34
CA SER A 225 -22.64 6.92 -0.69
C SER A 225 -23.12 6.08 0.51
N SER A 226 -22.59 6.34 1.70
CA SER A 226 -23.01 5.63 2.90
C SER A 226 -24.22 6.33 3.52
N GLY A 227 -25.18 6.68 2.68
CA GLY A 227 -26.32 7.51 3.06
C GLY A 227 -27.30 6.84 3.99
N GLY A 228 -27.56 5.54 3.76
CA GLY A 228 -28.42 4.75 4.62
C GLY A 228 -27.92 4.74 6.05
N GLU A 229 -26.61 4.63 6.21
CA GLU A 229 -25.94 4.70 7.50
C GLU A 229 -26.12 6.05 8.17
N GLY A 230 -26.16 7.11 7.35
CA GLY A 230 -26.37 8.47 7.84
C GLY A 230 -27.78 8.67 8.37
N ALA A 231 -28.76 8.16 7.64
CA ALA A 231 -30.16 8.30 8.02
C ALA A 231 -30.53 7.46 9.22
N LEU A 232 -29.96 6.26 9.31
CA LEU A 232 -30.24 5.33 10.39
C LEU A 232 -29.62 5.76 11.72
N ILE A 233 -28.29 5.85 11.75
CA ILE A 233 -27.54 6.30 12.93
C ILE A 233 -28.00 7.68 13.39
N GLY A 234 -28.19 8.57 12.42
CA GLY A 234 -28.58 9.95 12.68
C GLY A 234 -29.89 10.13 13.43
N SER A 235 -30.83 9.21 13.19
CA SER A 235 -32.12 9.26 13.88
C SER A 235 -32.22 8.22 15.00
N GLY A 236 -31.07 7.78 15.50
CA GLY A 236 -31.00 6.91 16.68
C GLY A 236 -31.29 5.44 16.45
N GLY A 237 -31.34 5.03 15.19
CA GLY A 237 -31.64 3.63 14.83
C GLY A 237 -30.50 2.66 15.00
N SER A 238 -29.27 3.18 15.08
CA SER A 238 -28.08 2.36 15.21
C SER A 238 -27.01 3.12 15.99
N PRO A 239 -26.38 2.44 16.98
CA PRO A 239 -25.36 3.08 17.80
C PRO A 239 -23.98 3.11 17.12
N LEU A 240 -23.85 2.37 16.02
CA LEU A 240 -22.59 2.20 15.31
C LEU A 240 -22.82 1.58 13.93
N GLY A 241 -22.17 2.16 12.93
CA GLY A 241 -22.25 1.64 11.57
C GLY A 241 -20.91 1.67 10.85
N LEU A 242 -20.84 0.99 9.72
CA LEU A 242 -19.62 0.95 8.90
C LEU A 242 -19.92 1.37 7.47
N GLY A 243 -19.02 2.21 6.92
CA GLY A 243 -19.14 2.68 5.55
C GLY A 243 -17.83 2.64 4.78
N THR A 244 -17.89 2.91 3.48
CA THR A 244 -16.70 3.05 2.64
C THR A 244 -16.60 4.48 2.14
N ASP A 245 -15.40 4.87 1.72
CA ASP A 245 -15.10 6.23 1.31
C ASP A 245 -13.99 6.26 0.25
N ILE A 246 -14.30 6.83 -0.91
CA ILE A 246 -13.32 7.00 -1.99
C ILE A 246 -13.27 8.44 -2.48
N GLY A 247 -14.27 9.24 -2.10
CA GLY A 247 -14.37 10.64 -2.51
C GLY A 247 -15.15 11.47 -1.50
N GLY A 248 -15.46 10.86 -0.35
CA GLY A 248 -16.22 11.52 0.70
C GLY A 248 -17.44 10.72 1.16
N SER A 249 -17.46 9.43 0.81
CA SER A 249 -18.63 8.59 1.06
C SER A 249 -18.95 8.29 2.53
N ILE A 250 -17.98 8.49 3.43
CA ILE A 250 -18.25 8.40 4.86
C ILE A 250 -18.56 9.78 5.42
N ARG A 251 -17.82 10.79 4.97
CA ARG A 251 -17.85 12.12 5.55
C ARG A 251 -19.08 12.96 5.14
N PHE A 252 -19.55 12.81 3.90
CA PHE A 252 -20.77 13.48 3.44
C PHE A 252 -22.03 13.05 4.21
N PRO A 253 -22.29 11.72 4.31
CA PRO A 253 -23.44 11.29 5.10
C PRO A 253 -23.36 11.72 6.56
N SER A 254 -22.17 11.66 7.15
CA SER A 254 -21.95 12.04 8.55
C SER A 254 -22.28 13.51 8.81
N ALA A 255 -21.76 14.38 7.95
CA ALA A 255 -21.98 15.82 8.09
C ALA A 255 -23.43 16.24 7.83
N PHE A 256 -24.03 15.63 6.80
CA PHE A 256 -25.40 15.95 6.36
C PHE A 256 -26.45 15.55 7.40
N CYS A 257 -26.17 14.49 8.15
CA CYS A 257 -27.14 13.92 9.10
C CYS A 257 -26.83 14.20 10.56
N GLY A 258 -25.79 14.98 10.82
CA GLY A 258 -25.45 15.41 12.17
C GLY A 258 -24.89 14.33 13.08
N ILE A 259 -24.07 13.45 12.50
CA ILE A 259 -23.31 12.44 13.26
C ILE A 259 -21.84 12.54 12.88
N CYS A 260 -21.01 11.67 13.44
CA CYS A 260 -19.59 11.72 13.14
C CYS A 260 -19.07 10.40 12.58
N GLY A 261 -18.02 10.50 11.76
CA GLY A 261 -17.42 9.34 11.11
C GLY A 261 -15.94 9.54 10.86
N LEU A 262 -15.24 8.46 10.53
CA LEU A 262 -13.80 8.51 10.33
C LEU A 262 -13.41 7.74 9.08
N LYS A 263 -12.71 8.43 8.17
CA LYS A 263 -12.13 7.79 7.01
C LYS A 263 -10.65 7.61 7.25
N PRO A 264 -10.24 6.39 7.63
CA PRO A 264 -8.84 6.13 7.95
C PRO A 264 -8.00 5.97 6.70
N THR A 265 -6.68 5.90 6.90
CA THR A 265 -5.73 5.58 5.83
C THR A 265 -6.23 4.35 5.05
N GLY A 266 -6.17 4.44 3.73
CA GLY A 266 -6.72 3.41 2.83
C GLY A 266 -6.64 1.98 3.30
N ASN A 267 -5.43 1.52 3.59
CA ASN A 267 -5.21 0.13 3.99
C ASN A 267 -4.93 -0.03 5.50
N ARG A 268 -5.70 0.67 6.32
CA ARG A 268 -5.66 0.49 7.78
C ARG A 268 -6.65 -0.59 8.18
N LEU A 269 -7.70 -0.73 7.39
CA LEU A 269 -8.68 -1.79 7.56
C LEU A 269 -8.69 -2.70 6.33
N SER A 270 -9.25 -3.90 6.49
CA SER A 270 -9.35 -4.87 5.42
C SER A 270 -10.44 -4.49 4.43
N LYS A 271 -10.07 -4.40 3.16
CA LYS A 271 -11.00 -4.10 2.08
C LYS A 271 -11.52 -5.40 1.45
N SER A 272 -11.09 -6.52 2.03
CA SER A 272 -11.36 -7.84 1.47
C SER A 272 -12.80 -8.32 1.66
N GLY A 273 -13.45 -8.66 0.55
CA GLY A 273 -14.84 -9.11 0.54
C GLY A 273 -15.85 -8.00 0.28
N LEU A 274 -15.35 -6.82 -0.07
CA LEU A 274 -16.22 -5.66 -0.33
C LEU A 274 -16.67 -5.62 -1.78
N LYS A 275 -17.97 -5.46 -1.96
CA LYS A 275 -18.54 -5.30 -3.29
C LYS A 275 -18.24 -3.89 -3.81
N GLY A 276 -17.72 -3.84 -5.03
CA GLY A 276 -17.55 -2.60 -5.77
C GLY A 276 -17.94 -2.89 -7.20
N CYS A 277 -18.05 -1.85 -8.02
CA CYS A 277 -18.42 -2.04 -9.42
C CYS A 277 -17.21 -1.99 -10.35
N VAL A 278 -16.09 -1.46 -9.85
CA VAL A 278 -14.83 -1.44 -10.58
C VAL A 278 -13.69 -1.98 -9.71
N TYR A 279 -12.91 -2.90 -10.26
CA TYR A 279 -11.83 -3.56 -9.53
C TYR A 279 -10.46 -3.33 -10.18
N GLY A 280 -9.43 -3.25 -9.34
CA GLY A 280 -8.05 -3.11 -9.81
C GLY A 280 -7.58 -1.67 -9.96
N GLN A 281 -8.36 -0.74 -9.44
CA GLN A 281 -8.01 0.68 -9.47
C GLN A 281 -7.33 1.05 -8.15
N THR A 282 -6.05 1.42 -8.22
CA THR A 282 -5.27 1.74 -7.01
C THR A 282 -4.81 3.19 -6.91
N ALA A 283 -4.99 3.98 -7.97
CA ALA A 283 -4.57 5.38 -7.98
C ALA A 283 -5.19 6.19 -6.84
N VAL A 284 -6.51 6.37 -6.87
CA VAL A 284 -7.25 6.96 -5.75
C VAL A 284 -7.64 5.84 -4.79
N GLN A 285 -7.27 6.00 -3.52
CA GLN A 285 -7.39 4.93 -2.52
C GLN A 285 -8.74 4.86 -1.80
N LEU A 286 -9.40 3.70 -1.88
CA LEU A 286 -10.66 3.42 -1.20
C LEU A 286 -10.42 2.89 0.21
N SER A 287 -11.12 3.45 1.19
CA SER A 287 -10.99 3.04 2.59
C SER A 287 -12.33 2.93 3.29
N LEU A 288 -12.37 2.17 4.39
CA LEU A 288 -13.59 1.96 5.14
C LEU A 288 -13.39 2.33 6.61
N GLY A 289 -14.47 2.77 7.25
CA GLY A 289 -14.38 3.22 8.63
C GLY A 289 -15.70 3.29 9.38
N PRO A 290 -15.64 3.63 10.68
CA PRO A 290 -16.85 3.67 11.50
C PRO A 290 -17.63 4.98 11.38
N MET A 291 -18.92 4.89 11.64
CA MET A 291 -19.81 6.04 11.75
C MET A 291 -20.64 5.84 13.01
N ALA A 292 -20.70 6.87 13.86
CA ALA A 292 -21.39 6.75 15.15
C ALA A 292 -21.90 8.10 15.65
N ARG A 293 -22.64 8.07 16.76
CA ARG A 293 -23.22 9.28 17.32
C ARG A 293 -22.18 10.20 17.96
N ASP A 294 -21.21 9.62 18.65
CA ASP A 294 -20.09 10.39 19.20
C ASP A 294 -18.74 9.83 18.73
N VAL A 295 -17.67 10.62 18.85
CA VAL A 295 -16.33 10.18 18.41
C VAL A 295 -15.69 9.11 19.33
N GLU A 296 -16.05 9.12 20.61
CA GLU A 296 -15.61 8.08 21.55
C GLU A 296 -15.98 6.69 21.05
N SER A 297 -17.16 6.59 20.43
CA SER A 297 -17.64 5.35 19.81
C SER A 297 -16.77 4.91 18.64
N LEU A 298 -16.28 5.88 17.86
CA LEU A 298 -15.42 5.60 16.70
C LEU A 298 -14.11 4.97 17.14
N ALA A 299 -13.51 5.53 18.19
CA ALA A 299 -12.26 5.03 18.75
C ALA A 299 -12.40 3.66 19.40
N LEU A 300 -13.62 3.33 19.83
CA LEU A 300 -13.93 2.00 20.34
C LEU A 300 -13.98 1.02 19.17
N CYS A 301 -14.65 1.42 18.09
CA CYS A 301 -14.80 0.57 16.92
C CYS A 301 -13.46 0.30 16.24
N LEU A 302 -12.63 1.33 16.15
CA LEU A 302 -11.30 1.21 15.54
C LEU A 302 -10.40 0.29 16.36
N LYS A 303 -10.50 0.38 17.69
CA LYS A 303 -9.77 -0.50 18.60
C LYS A 303 -10.25 -1.95 18.47
N ALA A 304 -11.57 -2.11 18.29
CA ALA A 304 -12.18 -3.43 18.15
C ALA A 304 -11.78 -4.13 16.86
N LEU A 305 -11.65 -3.37 15.79
CA LEU A 305 -11.30 -3.89 14.48
C LEU A 305 -9.81 -4.22 14.35
N LEU A 306 -8.97 -3.37 14.95
CA LEU A 306 -7.53 -3.55 14.90
C LEU A 306 -7.05 -4.59 15.92
N CYS A 307 -7.34 -5.86 15.63
CA CYS A 307 -6.90 -6.96 16.49
C CYS A 307 -6.41 -8.15 15.66
N GLU A 308 -5.91 -9.17 16.37
CA GLU A 308 -5.33 -10.37 15.74
C GLU A 308 -6.28 -11.04 14.76
N HIS A 309 -7.58 -10.92 15.01
CA HIS A 309 -8.59 -11.49 14.12
C HIS A 309 -8.48 -10.91 12.71
N LEU A 310 -8.38 -9.58 12.63
CA LEU A 310 -8.26 -8.90 11.34
C LEU A 310 -6.96 -9.22 10.62
N PHE A 311 -5.86 -9.16 11.36
CA PHE A 311 -4.52 -9.33 10.79
C PHE A 311 -4.24 -10.75 10.29
N THR A 312 -4.94 -11.73 10.86
CA THR A 312 -4.83 -13.12 10.43
C THR A 312 -5.67 -13.37 9.17
N LEU A 313 -6.93 -12.93 9.20
CA LEU A 313 -7.84 -13.16 8.08
C LEU A 313 -7.42 -12.41 6.82
N ASP A 314 -6.85 -11.22 6.99
CA ASP A 314 -6.29 -10.46 5.87
C ASP A 314 -4.88 -9.97 6.19
N PRO A 315 -3.86 -10.81 5.89
CA PRO A 315 -2.46 -10.52 6.15
C PRO A 315 -1.90 -9.34 5.35
N THR A 316 -2.64 -8.86 4.36
CA THR A 316 -2.21 -7.71 3.55
C THR A 316 -2.36 -6.39 4.30
N VAL A 317 -3.09 -6.42 5.41
CA VAL A 317 -3.24 -5.29 6.31
C VAL A 317 -2.09 -5.26 7.31
N PRO A 318 -1.34 -4.12 7.37
CA PRO A 318 -0.26 -4.00 8.34
C PRO A 318 -0.78 -4.13 9.77
N PRO A 319 -0.15 -5.01 10.58
CA PRO A 319 -0.56 -5.28 11.96
C PRO A 319 -0.30 -4.11 12.92
N LEU A 320 -0.99 -2.99 12.68
CA LEU A 320 -0.88 -1.81 13.51
C LEU A 320 -2.00 -1.75 14.54
N PRO A 321 -1.68 -2.03 15.81
CA PRO A 321 -2.70 -1.94 16.86
C PRO A 321 -3.09 -0.49 17.17
N PHE A 322 -4.25 -0.30 17.79
CA PHE A 322 -4.74 1.03 18.18
C PHE A 322 -3.89 1.62 19.31
N ARG A 323 -3.12 2.67 18.99
CA ARG A 323 -2.25 3.31 19.98
C ARG A 323 -3.06 4.16 20.97
N GLU A 324 -3.27 3.59 22.15
CA GLU A 324 -4.17 4.16 23.16
C GLU A 324 -3.66 5.49 23.73
N GLU A 325 -2.38 5.54 24.11
CA GLU A 325 -1.80 6.73 24.74
C GLU A 325 -1.82 7.97 23.84
N VAL A 326 -1.80 7.75 22.52
CA VAL A 326 -1.86 8.84 21.55
C VAL A 326 -3.28 9.43 21.50
N TYR A 327 -4.29 8.57 21.52
CA TYR A 327 -5.68 8.99 21.53
C TYR A 327 -6.07 9.69 22.84
N ARG A 328 -5.50 9.22 23.94
CA ARG A 328 -5.81 9.75 25.27
C ARG A 328 -5.04 11.04 25.59
N SER A 329 -3.95 11.28 24.84
CA SER A 329 -3.08 12.43 25.04
C SER A 329 -3.81 13.77 25.12
N SER A 330 -3.38 14.62 26.04
CA SER A 330 -4.03 15.92 26.25
C SER A 330 -3.07 17.11 26.05
N ARG A 331 -1.98 16.88 25.34
CA ARG A 331 -1.01 17.93 25.01
C ARG A 331 -1.58 18.95 24.03
N PRO A 332 -1.11 20.21 24.10
CA PRO A 332 -1.48 21.22 23.10
C PRO A 332 -1.05 20.80 21.70
N LEU A 333 -1.88 21.13 20.71
CA LEU A 333 -1.65 20.70 19.34
C LEU A 333 -1.42 21.88 18.39
N ARG A 334 -0.47 21.73 17.49
CA ARG A 334 -0.28 22.67 16.41
C ARG A 334 -1.28 22.33 15.31
N VAL A 335 -2.31 23.17 15.19
CA VAL A 335 -3.41 22.90 14.28
C VAL A 335 -3.39 23.85 13.09
N GLY A 336 -3.25 23.29 11.89
CA GLY A 336 -3.38 24.05 10.65
C GLY A 336 -4.84 24.18 10.29
N TYR A 337 -5.19 25.24 9.57
CA TYR A 337 -6.58 25.49 9.18
C TYR A 337 -6.68 26.32 7.91
N TYR A 338 -7.84 26.25 7.26
CA TYR A 338 -8.23 27.18 6.20
C TYR A 338 -9.74 27.36 6.14
N GLU A 339 -10.17 28.56 5.77
CA GLU A 339 -11.60 28.90 5.70
C GLU A 339 -12.21 28.54 4.37
N THR A 340 -11.34 28.33 3.38
CA THR A 340 -11.76 28.03 2.01
C THR A 340 -10.64 27.37 1.23
N ASP A 341 -11.00 26.43 0.36
CA ASP A 341 -10.02 25.75 -0.49
C ASP A 341 -9.78 26.52 -1.79
N ASN A 342 -10.44 27.67 -1.92
CA ASN A 342 -10.42 28.50 -3.13
C ASN A 342 -10.85 27.76 -4.40
N TYR A 343 -11.71 26.76 -4.22
CA TYR A 343 -12.27 25.99 -5.32
C TYR A 343 -13.78 25.97 -5.21
N THR A 344 -14.29 25.48 -4.08
CA THR A 344 -15.70 25.57 -3.73
C THR A 344 -15.87 26.60 -2.63
N MET A 345 -16.65 27.64 -2.91
CA MET A 345 -16.93 28.68 -1.92
C MET A 345 -17.77 28.09 -0.79
N PRO A 346 -17.28 28.21 0.45
CA PRO A 346 -18.08 27.69 1.56
C PRO A 346 -19.39 28.46 1.71
N SER A 347 -20.42 27.77 2.20
CA SER A 347 -21.64 28.42 2.61
C SER A 347 -21.33 29.28 3.83
N PRO A 348 -22.18 30.29 4.14
CA PRO A 348 -21.91 31.12 5.32
C PRO A 348 -21.86 30.28 6.60
N ALA A 349 -22.62 29.19 6.62
CA ALA A 349 -22.63 28.28 7.77
C ALA A 349 -21.33 27.49 7.91
N MET A 350 -20.81 27.00 6.77
CA MET A 350 -19.51 26.32 6.73
C MET A 350 -18.41 27.23 7.23
N ARG A 351 -18.37 28.45 6.70
CA ARG A 351 -17.41 29.48 7.09
C ARG A 351 -17.53 29.78 8.59
N ARG A 352 -18.76 30.00 9.05
CA ARG A 352 -19.03 30.30 10.45
C ARG A 352 -18.59 29.16 11.37
N ALA A 353 -18.93 27.93 11.00
CA ALA A 353 -18.55 26.73 11.74
C ALA A 353 -17.04 26.62 11.91
N LEU A 354 -16.31 26.83 10.81
CA LEU A 354 -14.86 26.72 10.77
C LEU A 354 -14.20 27.74 11.69
N ILE A 355 -14.62 29.00 11.59
CA ILE A 355 -14.04 30.08 12.38
C ILE A 355 -14.33 29.89 13.87
N GLU A 356 -15.57 29.50 14.19
CA GLU A 356 -15.98 29.27 15.57
C GLU A 356 -15.15 28.18 16.25
N THR A 357 -14.99 27.05 15.56
CA THR A 357 -14.16 25.96 16.10
C THR A 357 -12.68 26.34 16.16
N LYS A 358 -12.22 27.12 15.17
CA LYS A 358 -10.85 27.64 15.17
C LYS A 358 -10.59 28.54 16.37
N GLN A 359 -11.57 29.38 16.71
CA GLN A 359 -11.45 30.32 17.82
C GLN A 359 -11.49 29.65 19.19
N ARG A 360 -12.35 28.64 19.33
CA ARG A 360 -12.49 27.90 20.59
C ARG A 360 -11.28 26.99 20.87
N LEU A 361 -10.59 26.59 19.81
CA LEU A 361 -9.36 25.80 19.94
C LEU A 361 -8.20 26.67 20.43
N GLU A 362 -8.14 27.91 19.96
CA GLU A 362 -7.15 28.88 20.45
C GLU A 362 -7.37 29.18 21.94
N ALA A 363 -8.62 29.32 22.33
CA ALA A 363 -9.01 29.53 23.72
C ALA A 363 -8.66 28.32 24.59
N ALA A 364 -8.65 27.13 23.96
CA ALA A 364 -8.34 25.88 24.65
C ALA A 364 -6.84 25.75 24.95
N GLY A 365 -6.02 26.49 24.24
CA GLY A 365 -4.57 26.50 24.45
C GLY A 365 -3.77 25.97 23.27
N HIS A 366 -4.47 25.62 22.19
CA HIS A 366 -3.82 25.13 20.98
C HIS A 366 -3.37 26.29 20.10
N THR A 367 -2.27 26.08 19.39
CA THR A 367 -1.77 27.09 18.45
C THR A 367 -2.30 26.84 17.04
N LEU A 368 -3.00 27.82 16.49
CA LEU A 368 -3.63 27.72 15.18
C LEU A 368 -2.84 28.44 14.10
N ILE A 369 -2.57 27.73 13.00
CA ILE A 369 -1.73 28.25 11.92
C ILE A 369 -2.46 28.16 10.59
N PRO A 370 -2.52 29.27 9.84
CA PRO A 370 -3.07 29.23 8.48
C PRO A 370 -2.26 28.27 7.60
N PHE A 371 -2.97 27.35 6.95
CA PHE A 371 -2.35 26.33 6.11
C PHE A 371 -3.30 25.88 5.01
N LEU A 372 -2.82 25.88 3.77
CA LEU A 372 -3.61 25.44 2.62
C LEU A 372 -2.75 24.60 1.68
N PRO A 373 -3.15 23.33 1.46
CA PRO A 373 -2.39 22.41 0.60
C PRO A 373 -2.26 22.95 -0.81
N ASN A 374 -1.04 22.95 -1.33
CA ASN A 374 -0.75 23.51 -2.65
C ASN A 374 -1.49 22.81 -3.78
N ASN A 375 -1.84 23.58 -4.80
CA ASN A 375 -2.41 23.07 -6.05
C ASN A 375 -3.62 22.16 -5.89
N ILE A 376 -4.63 22.62 -5.17
CA ILE A 376 -5.85 21.82 -5.01
C ILE A 376 -6.56 21.55 -6.36
N PRO A 377 -6.72 22.58 -7.22
CA PRO A 377 -7.31 22.31 -8.55
C PRO A 377 -6.65 21.15 -9.30
N TYR A 378 -5.34 20.98 -9.13
CA TYR A 378 -4.60 19.89 -9.74
C TYR A 378 -5.01 18.55 -9.14
N ALA A 379 -5.03 18.50 -7.81
CA ALA A 379 -5.39 17.28 -7.07
C ALA A 379 -6.75 16.72 -7.48
N LEU A 380 -7.70 17.59 -7.81
CA LEU A 380 -9.06 17.17 -8.13
C LEU A 380 -9.26 16.89 -9.61
N GLU A 381 -8.88 17.87 -10.44
CA GLU A 381 -9.20 17.85 -11.86
C GLU A 381 -8.42 16.81 -12.66
N VAL A 382 -7.18 16.54 -12.25
CA VAL A 382 -6.34 15.59 -12.98
C VAL A 382 -5.90 14.37 -12.15
N LEU A 383 -5.53 14.60 -10.89
CA LEU A 383 -5.13 13.49 -10.02
C LEU A 383 -6.30 12.62 -9.55
N SER A 384 -7.36 13.25 -9.02
CA SER A 384 -8.53 12.51 -8.55
C SER A 384 -9.42 12.03 -9.69
N ALA A 385 -9.83 12.95 -10.55
CA ALA A 385 -10.66 12.62 -11.72
C ALA A 385 -9.98 11.60 -12.62
N GLY A 386 -8.68 11.78 -12.84
CA GLY A 386 -7.91 10.89 -13.70
C GLY A 386 -7.69 9.53 -13.07
N GLY A 387 -7.57 9.50 -11.75
CA GLY A 387 -7.37 8.25 -11.01
C GLY A 387 -8.60 7.40 -10.95
N LEU A 388 -9.77 8.03 -11.03
CA LEU A 388 -11.05 7.32 -10.97
C LEU A 388 -11.62 6.96 -12.35
N PHE A 389 -11.16 7.66 -13.38
CA PHE A 389 -11.66 7.43 -14.74
C PHE A 389 -10.53 7.23 -15.75
N SER A 390 -9.47 6.54 -15.33
CA SER A 390 -8.32 6.27 -16.18
C SER A 390 -8.70 5.56 -17.47
N ASP A 391 -9.65 4.63 -17.37
CA ASP A 391 -10.12 3.87 -18.51
C ASP A 391 -11.19 4.64 -19.29
N GLY A 392 -11.47 5.87 -18.85
CA GLY A 392 -12.54 6.67 -19.43
C GLY A 392 -13.90 6.23 -18.92
N GLY A 393 -13.91 5.49 -17.82
CA GLY A 393 -15.14 4.99 -17.21
C GLY A 393 -15.79 3.86 -17.97
N ARG A 394 -15.02 3.15 -18.79
CA ARG A 394 -15.52 2.05 -19.60
C ARG A 394 -15.95 0.85 -18.74
N SER A 395 -15.10 0.46 -17.80
CA SER A 395 -15.39 -0.62 -16.86
C SER A 395 -16.54 -0.24 -15.93
N PHE A 396 -16.61 1.05 -15.61
CA PHE A 396 -17.70 1.58 -14.80
C PHE A 396 -19.04 1.46 -15.52
N LEU A 397 -19.05 1.74 -16.82
CA LEU A 397 -20.26 1.76 -17.64
C LEU A 397 -20.79 0.37 -17.95
N GLN A 398 -20.00 -0.65 -17.66
CA GLN A 398 -20.38 -2.04 -17.90
C GLN A 398 -21.54 -2.44 -16.99
N ASN A 399 -21.57 -1.89 -15.79
CA ASN A 399 -22.59 -2.17 -14.79
C ASN A 399 -23.97 -1.59 -15.11
N PHE A 400 -24.03 -0.72 -16.12
CA PHE A 400 -25.24 -0.01 -16.47
C PHE A 400 -25.89 -0.51 -17.78
N LYS A 401 -25.37 -1.59 -18.33
CA LYS A 401 -25.90 -2.14 -19.59
C LYS A 401 -27.25 -2.83 -19.37
N GLY A 402 -28.29 -2.31 -20.02
CA GLY A 402 -29.66 -2.81 -19.86
C GLY A 402 -30.30 -2.43 -18.53
N ASP A 403 -29.72 -1.46 -17.85
CA ASP A 403 -30.19 -1.01 -16.55
C ASP A 403 -30.72 0.42 -16.65
N PHE A 404 -31.48 0.83 -15.64
CA PHE A 404 -31.93 2.20 -15.51
C PHE A 404 -30.78 3.06 -15.00
N VAL A 405 -30.85 4.35 -15.30
CA VAL A 405 -29.93 5.31 -14.71
C VAL A 405 -30.74 6.21 -13.77
N ASP A 406 -30.48 6.05 -12.48
CA ASP A 406 -31.16 6.82 -11.45
C ASP A 406 -30.87 8.32 -11.63
N PRO A 407 -31.91 9.17 -11.50
CA PRO A 407 -31.77 10.62 -11.64
C PRO A 407 -30.72 11.26 -10.73
N CYS A 408 -30.42 10.64 -9.58
CA CYS A 408 -29.47 11.20 -8.62
C CYS A 408 -28.00 11.07 -9.05
N LEU A 409 -27.79 10.42 -10.19
CA LEU A 409 -26.46 10.29 -10.79
C LEU A 409 -26.16 11.45 -11.76
N GLY A 410 -27.17 12.29 -12.00
CA GLY A 410 -27.04 13.42 -12.89
C GLY A 410 -26.79 12.98 -14.33
N ASP A 411 -25.82 13.62 -14.97
CA ASP A 411 -25.46 13.29 -16.36
C ASP A 411 -24.15 12.51 -16.47
N LEU A 412 -23.67 12.00 -15.32
CA LEU A 412 -22.40 11.29 -15.23
C LEU A 412 -22.31 10.10 -16.20
N ILE A 413 -23.42 9.40 -16.38
CA ILE A 413 -23.49 8.26 -17.29
C ILE A 413 -23.51 8.75 -18.74
N LEU A 414 -24.29 9.80 -18.99
CA LEU A 414 -24.43 10.37 -20.32
C LEU A 414 -23.10 10.94 -20.82
N ILE A 415 -22.36 11.58 -19.92
CA ILE A 415 -21.07 12.20 -20.22
C ILE A 415 -19.97 11.18 -20.46
N LEU A 416 -19.92 10.14 -19.63
CA LEU A 416 -18.89 9.10 -19.73
C LEU A 416 -19.01 8.25 -20.98
N ARG A 417 -20.23 8.11 -21.50
CA ARG A 417 -20.49 7.30 -22.69
C ARG A 417 -19.98 7.90 -23.99
N LEU A 418 -19.81 9.22 -24.00
CA LEU A 418 -19.36 9.96 -25.18
C LEU A 418 -17.96 9.50 -25.62
N PRO A 419 -17.73 9.39 -26.94
CA PRO A 419 -16.43 8.99 -27.49
C PRO A 419 -15.30 9.94 -27.09
N SER A 420 -14.07 9.42 -27.05
CA SER A 420 -12.90 10.16 -26.59
C SER A 420 -12.67 11.46 -27.37
N TRP A 421 -12.86 11.42 -28.69
CA TRP A 421 -12.67 12.59 -29.54
C TRP A 421 -13.67 13.69 -29.22
N PHE A 422 -14.88 13.28 -28.84
CA PHE A 422 -15.93 14.23 -28.48
C PHE A 422 -15.68 14.84 -27.10
N LYS A 423 -15.13 14.04 -26.19
CA LYS A 423 -14.72 14.53 -24.86
C LYS A 423 -13.59 15.55 -24.96
N ARG A 424 -12.70 15.34 -25.92
CA ARG A 424 -11.58 16.24 -26.20
C ARG A 424 -12.08 17.57 -26.79
N LEU A 425 -12.86 17.45 -27.87
CA LEU A 425 -13.42 18.62 -28.57
C LEU A 425 -14.23 19.51 -27.64
N LEU A 426 -15.14 18.91 -26.89
CA LEU A 426 -16.01 19.62 -25.96
C LEU A 426 -15.20 20.31 -24.86
N SER A 427 -14.11 19.66 -24.44
CA SER A 427 -13.21 20.18 -23.42
C SER A 427 -12.48 21.43 -23.89
N LEU A 428 -12.03 21.39 -25.14
CA LEU A 428 -11.32 22.53 -25.75
C LEU A 428 -12.26 23.71 -25.96
N LEU A 429 -13.50 23.42 -26.36
CA LEU A 429 -14.55 24.43 -26.49
C LEU A 429 -14.85 25.12 -25.16
N LEU A 430 -14.93 24.32 -24.10
CA LEU A 430 -15.29 24.80 -22.77
C LEU A 430 -14.15 25.53 -22.05
N LYS A 431 -12.91 25.23 -22.41
CA LYS A 431 -11.74 25.75 -21.70
C LYS A 431 -11.70 27.29 -21.52
N PRO A 432 -12.02 28.05 -22.59
CA PRO A 432 -12.03 29.52 -22.43
C PRO A 432 -13.03 30.02 -21.38
N LEU A 433 -14.28 29.58 -21.46
CA LEU A 433 -15.34 30.10 -20.59
C LEU A 433 -15.53 29.34 -19.27
N PHE A 434 -15.46 28.02 -19.33
CA PHE A 434 -15.67 27.17 -18.15
C PHE A 434 -14.47 26.26 -17.90
N PRO A 435 -13.48 26.74 -17.12
CA PRO A 435 -12.21 26.03 -16.89
C PRO A 435 -12.32 24.73 -16.08
N ARG A 436 -13.17 24.72 -15.05
CA ARG A 436 -13.38 23.53 -14.21
C ARG A 436 -13.97 22.38 -15.01
N LEU A 437 -15.04 22.68 -15.76
CA LEU A 437 -15.73 21.71 -16.60
C LEU A 437 -14.84 21.14 -17.69
N ALA A 438 -13.93 21.96 -18.19
CA ALA A 438 -12.99 21.55 -19.24
C ALA A 438 -12.01 20.49 -18.78
N ALA A 439 -11.31 20.77 -17.68
CA ALA A 439 -10.29 19.87 -17.15
C ALA A 439 -10.85 18.55 -16.64
N PHE A 440 -12.00 18.60 -15.97
CA PHE A 440 -12.68 17.39 -15.50
C PHE A 440 -13.07 16.49 -16.66
N LEU A 441 -13.68 17.08 -17.68
CA LEU A 441 -14.12 16.35 -18.87
C LEU A 441 -12.96 15.69 -19.62
N ASN A 442 -11.82 16.36 -19.64
CA ASN A 442 -10.63 15.85 -20.31
C ASN A 442 -10.01 14.65 -19.59
N SER A 443 -10.04 14.69 -18.26
CA SER A 443 -9.49 13.63 -17.43
C SER A 443 -10.33 12.36 -17.45
N MET A 444 -11.58 12.49 -17.91
CA MET A 444 -12.49 11.35 -18.05
C MET A 444 -12.27 10.58 -19.36
N ARG A 445 -11.15 10.85 -20.04
CA ARG A 445 -10.79 10.15 -21.27
C ARG A 445 -9.92 8.93 -20.99
N PRO A 446 -10.07 7.86 -21.80
CA PRO A 446 -9.24 6.68 -21.63
C PRO A 446 -7.78 6.96 -22.02
N ARG A 447 -6.85 6.42 -21.24
CA ARG A 447 -5.43 6.55 -21.55
C ARG A 447 -4.75 5.18 -21.59
N SER A 448 -3.48 5.17 -21.97
CA SER A 448 -2.70 3.94 -22.01
C SER A 448 -2.20 3.55 -20.61
N ALA A 449 -1.67 2.34 -20.49
CA ALA A 449 -1.03 1.88 -19.27
C ALA A 449 0.14 2.79 -18.92
N GLU A 450 0.84 3.26 -19.96
CA GLU A 450 1.98 4.16 -19.81
C GLU A 450 1.58 5.44 -19.08
N LYS A 451 0.50 6.06 -19.52
CA LYS A 451 0.01 7.31 -18.94
C LYS A 451 -0.58 7.11 -17.55
N LEU A 452 -1.00 5.87 -17.26
CA LEU A 452 -1.46 5.51 -15.91
C LEU A 452 -0.28 5.50 -14.94
N TRP A 453 0.83 4.91 -15.37
CA TRP A 453 2.05 4.91 -14.56
C TRP A 453 2.47 6.34 -14.21
N LYS A 454 2.52 7.21 -15.22
CA LYS A 454 2.82 8.63 -15.02
C LYS A 454 1.90 9.24 -13.95
N LEU A 455 0.61 8.95 -14.05
CA LEU A 455 -0.40 9.46 -13.11
C LEU A 455 -0.19 8.98 -11.68
N GLN A 456 0.06 7.68 -11.51
CA GLN A 456 0.29 7.11 -10.18
C GLN A 456 1.55 7.67 -9.54
N HIS A 457 2.55 7.97 -10.38
CA HIS A 457 3.78 8.60 -9.91
C HIS A 457 3.55 10.03 -9.47
N GLU A 458 2.69 10.76 -10.20
CA GLU A 458 2.35 12.14 -9.89
C GLU A 458 1.54 12.25 -8.60
N ILE A 459 0.77 11.22 -8.28
CA ILE A 459 0.01 11.16 -7.03
C ILE A 459 0.98 10.91 -5.86
N GLU A 460 1.95 10.04 -6.09
CA GLU A 460 3.01 9.78 -5.11
C GLU A 460 3.83 11.03 -4.80
N MET A 461 4.13 11.81 -5.84
CA MET A 461 4.87 13.05 -5.69
C MET A 461 4.06 14.13 -4.98
N TYR A 462 2.80 14.28 -5.36
CA TYR A 462 1.90 15.24 -4.71
C TYR A 462 1.73 14.92 -3.21
N ARG A 463 1.67 13.62 -2.89
CA ARG A 463 1.56 13.16 -1.50
CA ARG A 463 1.56 13.16 -1.50
C ARG A 463 2.80 13.57 -0.72
N GLN A 464 3.97 13.36 -1.34
CA GLN A 464 5.24 13.75 -0.74
CA GLN A 464 5.27 13.76 -0.78
C GLN A 464 5.36 15.28 -0.65
N SER A 465 4.71 15.98 -1.57
CA SER A 465 4.69 17.45 -1.61
C SER A 465 3.94 18.07 -0.43
N VAL A 466 2.70 17.63 -0.22
CA VAL A 466 1.86 18.14 0.85
C VAL A 466 2.42 17.75 2.23
N ILE A 467 3.04 16.58 2.29
CA ILE A 467 3.73 16.14 3.52
C ILE A 467 4.90 17.07 3.84
N ALA A 468 5.69 17.40 2.82
CA ALA A 468 6.80 18.35 2.97
C ALA A 468 6.29 19.71 3.43
N GLN A 469 5.22 20.19 2.78
CA GLN A 469 4.57 21.44 3.15
C GLN A 469 4.09 21.38 4.60
N TRP A 470 3.48 20.26 4.96
CA TRP A 470 2.99 19.98 6.31
C TRP A 470 4.12 20.12 7.34
N LYS A 471 5.23 19.42 7.11
CA LYS A 471 6.37 19.40 8.04
C LYS A 471 7.04 20.76 8.21
N ALA A 472 7.10 21.53 7.12
CA ALA A 472 7.73 22.86 7.13
C ALA A 472 6.99 23.83 8.06
N MET A 473 5.67 23.70 8.12
CA MET A 473 4.85 24.46 9.07
C MET A 473 4.70 23.71 10.39
N ASN A 474 5.40 22.58 10.50
CA ASN A 474 5.49 21.77 11.73
C ASN A 474 4.13 21.43 12.35
N LEU A 475 3.15 21.16 11.50
CA LEU A 475 1.79 20.84 11.96
C LEU A 475 1.71 19.49 12.67
N ASP A 476 0.79 19.39 13.62
CA ASP A 476 0.39 18.12 14.19
C ASP A 476 -0.77 17.59 13.37
N VAL A 477 -1.75 18.45 13.14
CA VAL A 477 -3.03 18.05 12.57
C VAL A 477 -3.64 19.22 11.78
N LEU A 478 -4.67 18.95 10.97
CA LEU A 478 -5.25 19.94 10.06
C LEU A 478 -6.77 20.07 10.22
N LEU A 479 -7.27 21.30 10.13
CA LEU A 479 -8.71 21.60 10.25
C LEU A 479 -9.28 22.18 8.96
N THR A 480 -10.34 21.56 8.46
CA THR A 480 -10.90 21.85 7.13
C THR A 480 -12.41 22.11 7.23
N PRO A 481 -12.93 23.04 6.40
CA PRO A 481 -14.38 23.18 6.31
C PRO A 481 -14.98 21.93 5.67
N MET A 482 -16.05 21.42 6.26
CA MET A 482 -16.74 20.27 5.71
C MET A 482 -18.03 20.71 5.02
N LEU A 483 -18.19 20.29 3.77
CA LEU A 483 -19.35 20.67 2.95
C LEU A 483 -20.66 20.49 3.69
N GLY A 484 -21.44 21.56 3.75
CA GLY A 484 -22.72 21.58 4.46
C GLY A 484 -23.44 22.90 4.25
N PRO A 485 -24.74 22.96 4.58
CA PRO A 485 -25.58 21.88 5.10
C PRO A 485 -26.10 20.98 3.99
N ALA A 486 -26.87 19.95 4.35
CA ALA A 486 -27.44 19.00 3.41
C ALA A 486 -28.05 19.67 2.18
N LEU A 487 -27.72 19.13 1.01
CA LEU A 487 -28.22 19.63 -0.27
C LEU A 487 -29.57 19.00 -0.60
N ASP A 488 -30.39 19.70 -1.40
CA ASP A 488 -31.67 19.18 -1.86
C ASP A 488 -31.50 17.86 -2.62
N LEU A 489 -32.53 17.01 -2.54
CA LEU A 489 -32.55 15.75 -3.26
C LEU A 489 -32.33 15.94 -4.77
N ASN A 490 -31.55 15.04 -5.36
CA ASN A 490 -31.26 15.04 -6.80
C ASN A 490 -30.44 16.24 -7.31
N THR A 491 -29.72 16.89 -6.40
CA THR A 491 -28.81 17.98 -6.76
C THR A 491 -27.32 17.61 -6.68
N PRO A 492 -26.92 16.76 -5.69
CA PRO A 492 -25.50 16.40 -5.53
C PRO A 492 -24.84 15.87 -6.81
N GLY A 493 -25.56 15.07 -7.57
CA GLY A 493 -25.05 14.52 -8.83
C GLY A 493 -24.91 15.54 -9.93
N ARG A 494 -25.29 16.79 -9.65
CA ARG A 494 -25.19 17.87 -10.63
C ARG A 494 -24.23 18.97 -10.18
N ALA A 495 -23.68 18.83 -8.97
CA ALA A 495 -22.72 19.78 -8.42
C ALA A 495 -21.43 19.08 -7.96
N THR A 496 -20.73 18.44 -8.89
CA THR A 496 -19.54 17.63 -8.62
C THR A 496 -18.45 18.41 -7.88
N GLY A 497 -18.28 19.69 -8.24
CA GLY A 497 -17.24 20.53 -7.66
C GLY A 497 -17.18 20.57 -6.14
N ALA A 498 -18.29 20.22 -5.49
CA ALA A 498 -18.41 20.26 -4.04
C ALA A 498 -17.64 19.14 -3.33
N ILE A 499 -17.11 18.19 -4.09
CA ILE A 499 -16.28 17.13 -3.52
C ILE A 499 -14.85 17.61 -3.22
N SER A 500 -14.58 18.87 -3.56
CA SER A 500 -13.26 19.47 -3.41
C SER A 500 -12.74 19.58 -1.97
N TYR A 501 -13.61 19.34 -1.00
CA TYR A 501 -13.22 19.34 0.40
C TYR A 501 -12.92 17.94 0.91
N THR A 502 -13.43 16.93 0.21
CA THR A 502 -13.33 15.54 0.68
C THR A 502 -12.40 14.68 -0.15
N VAL A 503 -12.57 14.71 -1.47
CA VAL A 503 -11.81 13.83 -2.37
C VAL A 503 -10.31 14.12 -2.33
N LEU A 504 -9.96 15.32 -1.87
CA LEU A 504 -8.58 15.74 -1.71
C LEU A 504 -7.77 14.80 -0.81
N TYR A 505 -8.43 14.22 0.19
CA TYR A 505 -7.76 13.37 1.17
C TYR A 505 -7.91 11.87 0.92
N ASN A 506 -8.70 11.51 -0.09
CA ASN A 506 -8.68 10.16 -0.64
C ASN A 506 -7.52 10.06 -1.62
N CYS A 507 -7.28 11.16 -2.33
CA CYS A 507 -6.14 11.31 -3.24
C CYS A 507 -4.82 11.33 -2.46
N LEU A 508 -4.79 12.12 -1.39
CA LEU A 508 -3.62 12.19 -0.51
C LEU A 508 -3.48 10.97 0.39
N ASP A 509 -4.58 10.24 0.55
CA ASP A 509 -4.67 9.10 1.48
C ASP A 509 -4.24 9.52 2.88
N PHE A 510 -4.95 10.49 3.44
CA PHE A 510 -4.77 10.94 4.80
C PHE A 510 -5.98 10.48 5.60
N PRO A 511 -5.79 10.12 6.88
CA PRO A 511 -6.97 9.90 7.72
C PRO A 511 -7.74 11.21 7.89
N ALA A 512 -9.05 11.15 7.67
CA ALA A 512 -9.89 12.33 7.75
C ALA A 512 -11.20 12.00 8.45
N GLY A 513 -11.50 12.74 9.51
CA GLY A 513 -12.74 12.56 10.24
C GLY A 513 -13.63 13.78 10.16
N VAL A 514 -14.92 13.58 10.44
CA VAL A 514 -15.91 14.64 10.43
C VAL A 514 -16.71 14.65 11.73
N VAL A 515 -16.83 15.83 12.34
CA VAL A 515 -17.56 16.00 13.60
C VAL A 515 -18.50 17.22 13.50
N PRO A 516 -19.77 17.05 13.94
CA PRO A 516 -20.75 18.16 13.95
C PRO A 516 -20.40 19.21 15.00
N VAL A 517 -20.56 20.49 14.64
CA VAL A 517 -20.20 21.60 15.53
C VAL A 517 -21.32 22.61 15.77
N THR A 518 -22.17 22.83 14.77
CA THR A 518 -23.23 23.85 14.84
C THR A 518 -24.43 23.51 13.95
N THR A 519 -25.47 24.34 14.02
CA THR A 519 -26.62 24.23 13.12
C THR A 519 -26.87 25.56 12.39
N VAL A 520 -27.52 25.48 11.23
CA VAL A 520 -27.80 26.66 10.41
C VAL A 520 -28.74 27.63 11.13
N THR A 521 -28.29 28.87 11.26
CA THR A 521 -29.11 29.96 11.81
C THR A 521 -29.87 30.67 10.69
N ALA A 522 -30.86 31.47 11.06
CA ALA A 522 -31.63 32.27 10.10
C ALA A 522 -30.72 33.23 9.32
N GLU A 523 -29.76 33.81 10.03
CA GLU A 523 -28.77 34.72 9.43
C GLU A 523 -27.95 34.00 8.34
N ASP A 524 -27.60 32.74 8.61
CA ASP A 524 -26.83 31.91 7.66
C ASP A 524 -27.54 31.68 6.33
N ASP A 525 -28.85 31.43 6.39
CA ASP A 525 -29.62 31.12 5.18
C ASP A 525 -29.88 32.35 4.32
N ALA A 526 -29.98 33.51 4.96
CA ALA A 526 -30.21 34.78 4.26
C ALA A 526 -28.99 35.18 3.43
N GLN A 527 -27.80 34.93 3.96
CA GLN A 527 -26.55 35.23 3.27
C GLN A 527 -26.35 34.38 2.00
N MET A 528 -27.09 33.28 1.91
CA MET A 528 -27.03 32.40 0.73
C MET A 528 -27.55 33.07 -0.55
N GLU A 529 -28.34 34.14 -0.38
CA GLU A 529 -28.75 34.98 -1.50
C GLU A 529 -27.54 35.72 -2.09
N LEU A 530 -26.59 36.05 -1.23
CA LEU A 530 -25.35 36.71 -1.64
C LEU A 530 -24.20 35.73 -1.84
N TYR A 531 -24.52 34.55 -2.36
CA TYR A 531 -23.54 33.52 -2.68
C TYR A 531 -23.28 33.53 -4.18
N LYS A 532 -22.03 33.79 -4.57
CA LYS A 532 -21.67 33.89 -5.98
C LYS A 532 -20.94 32.66 -6.50
N GLY A 533 -20.02 32.13 -5.68
CA GLY A 533 -19.12 31.07 -6.11
C GLY A 533 -17.87 31.65 -6.72
N TYR A 534 -16.82 30.84 -6.84
CA TYR A 534 -15.55 31.30 -7.37
C TYR A 534 -15.47 31.28 -8.90
N PHE A 535 -16.31 30.47 -9.54
CA PHE A 535 -16.21 30.25 -10.98
C PHE A 535 -17.45 30.69 -11.76
N GLY A 536 -18.63 30.58 -11.15
CA GLY A 536 -19.87 30.95 -11.80
C GLY A 536 -20.26 30.03 -12.95
N ASP A 537 -19.69 28.84 -12.98
CA ASP A 537 -20.10 27.81 -13.93
C ASP A 537 -21.34 27.10 -13.40
N ILE A 538 -21.96 26.24 -14.22
CA ILE A 538 -23.25 25.64 -13.88
C ILE A 538 -23.27 24.84 -12.56
N TRP A 539 -22.10 24.44 -12.07
CA TRP A 539 -21.98 23.74 -10.79
C TRP A 539 -22.29 24.65 -9.61
N ASP A 540 -21.80 25.89 -9.70
CA ASP A 540 -21.99 26.89 -8.64
C ASP A 540 -23.45 27.37 -8.57
N ILE A 541 -24.09 27.44 -9.73
CA ILE A 541 -25.50 27.84 -9.82
C ILE A 541 -26.40 26.81 -9.12
N ILE A 542 -26.15 25.54 -9.38
CA ILE A 542 -26.93 24.43 -8.79
C ILE A 542 -26.70 24.30 -7.28
N LEU A 543 -25.45 24.51 -6.85
CA LEU A 543 -25.07 24.41 -5.44
C LEU A 543 -25.65 25.54 -4.60
N LYS A 544 -25.79 26.72 -5.21
CA LYS A 544 -26.39 27.88 -4.54
C LYS A 544 -27.86 27.62 -4.21
N LYS A 545 -28.58 27.02 -5.15
CA LYS A 545 -29.99 26.67 -4.96
C LYS A 545 -30.18 25.53 -3.99
N ALA A 546 -29.22 24.59 -3.99
CA ALA A 546 -29.31 23.36 -3.21
C ALA A 546 -29.14 23.55 -1.70
N MET A 547 -28.38 24.57 -1.31
CA MET A 547 -28.10 24.81 0.11
C MET A 547 -29.08 25.78 0.78
N LYS A 548 -30.08 26.26 0.02
CA LYS A 548 -31.12 27.14 0.57
C LYS A 548 -32.12 26.32 1.38
N ASN A 549 -33.04 27.01 2.07
CA ASN A 549 -34.07 26.39 2.92
C ASN A 549 -33.48 25.39 3.92
N SER A 550 -32.41 25.81 4.59
CA SER A 550 -31.59 24.90 5.38
C SER A 550 -31.52 25.21 6.88
N VAL A 551 -32.43 26.05 7.37
CA VAL A 551 -32.41 26.49 8.77
C VAL A 551 -32.59 25.31 9.74
N GLY A 552 -31.71 25.24 10.73
CA GLY A 552 -31.77 24.19 11.76
C GLY A 552 -31.06 22.90 11.42
N LEU A 553 -30.51 22.83 10.20
CA LEU A 553 -29.76 21.66 9.75
C LEU A 553 -28.34 21.68 10.28
N PRO A 554 -27.74 20.49 10.49
CA PRO A 554 -26.40 20.42 11.07
C PRO A 554 -25.29 20.78 10.07
N VAL A 555 -24.23 21.38 10.59
CA VAL A 555 -23.03 21.68 9.81
C VAL A 555 -21.80 21.22 10.59
N ALA A 556 -20.90 20.53 9.90
CA ALA A 556 -19.75 19.90 10.52
C ALA A 556 -18.42 20.51 10.10
N VAL A 557 -17.35 20.05 10.74
CA VAL A 557 -15.99 20.45 10.42
C VAL A 557 -15.17 19.18 10.16
N GLN A 558 -14.06 19.30 9.42
CA GLN A 558 -13.22 18.15 9.08
C GLN A 558 -11.86 18.20 9.78
N CYS A 559 -11.47 17.07 10.38
CA CYS A 559 -10.18 16.94 11.06
C CYS A 559 -9.31 15.95 10.30
N VAL A 560 -8.08 16.37 9.97
CA VAL A 560 -7.18 15.57 9.14
C VAL A 560 -5.80 15.43 9.79
N ALA A 561 -5.30 14.19 9.83
CA ALA A 561 -3.95 13.92 10.30
C ALA A 561 -3.12 13.21 9.22
N LEU A 562 -1.83 13.01 9.48
CA LEU A 562 -0.91 12.32 8.55
C LEU A 562 -1.23 10.82 8.44
N PRO A 563 -0.87 10.18 7.30
CA PRO A 563 -1.13 8.75 7.09
C PRO A 563 -0.71 7.86 8.25
N TRP A 564 -1.61 6.95 8.63
CA TRP A 564 -1.41 6.00 9.74
C TRP A 564 -1.58 6.61 11.14
N GLN A 565 -1.88 7.91 11.17
CA GLN A 565 -2.03 8.62 12.44
C GLN A 565 -3.51 8.89 12.74
N GLU A 566 -4.32 7.84 12.67
CA GLU A 566 -5.76 7.98 12.94
C GLU A 566 -6.08 8.13 14.42
N GLU A 567 -5.24 7.55 15.28
CA GLU A 567 -5.38 7.75 16.73
C GLU A 567 -5.08 9.20 17.14
N LEU A 568 -4.18 9.85 16.40
CA LEU A 568 -3.96 11.30 16.53
C LEU A 568 -5.18 12.07 16.02
N CYS A 569 -5.70 11.63 14.87
CA CYS A 569 -6.89 12.23 14.25
C CYS A 569 -8.13 12.14 15.14
N LEU A 570 -8.29 11.02 15.84
CA LEU A 570 -9.40 10.82 16.76
C LEU A 570 -9.24 11.67 18.01
N ARG A 571 -8.01 11.75 18.53
CA ARG A 571 -7.68 12.61 19.66
C ARG A 571 -8.03 14.07 19.38
N PHE A 572 -7.73 14.52 18.16
CA PHE A 572 -8.07 15.87 17.73
C PHE A 572 -9.59 16.04 17.57
N MET A 573 -10.25 15.02 17.03
CA MET A 573 -11.70 15.03 16.87
C MET A 573 -12.40 15.08 18.23
N ARG A 574 -11.86 14.33 19.18
CA ARG A 574 -12.36 14.31 20.56
C ARG A 574 -12.31 15.71 21.20
N GLU A 575 -11.22 16.43 20.94
CA GLU A 575 -11.04 17.80 21.39
C GLU A 575 -12.11 18.71 20.76
N VAL A 576 -12.18 18.69 19.43
CA VAL A 576 -13.16 19.49 18.68
C VAL A 576 -14.58 19.25 19.20
N GLU A 577 -14.93 17.99 19.41
CA GLU A 577 -16.23 17.63 19.96
C GLU A 577 -16.43 18.20 21.37
N GLN A 578 -15.39 18.10 22.21
CA GLN A 578 -15.47 18.55 23.61
C GLN A 578 -15.68 20.06 23.73
N LEU A 579 -15.07 20.81 22.82
CA LEU A 579 -15.16 22.26 22.85
C LEU A 579 -16.43 22.79 22.20
N MET A 580 -16.90 22.11 21.15
CA MET A 580 -18.08 22.57 20.41
C MET A 580 -19.39 21.98 20.93
N THR A 581 -19.40 20.68 21.20
CA THR A 581 -20.59 20.00 21.77
C THR A 581 -20.22 19.11 22.96
N PRO A 582 -20.03 19.72 24.15
CA PRO A 582 -19.54 19.00 25.34
C PRO A 582 -20.55 18.03 25.98
N GLN A 583 -21.78 18.01 25.47
CA GLN A 583 -22.83 17.13 25.99
C GLN A 583 -22.50 15.66 25.73
N LYS A 584 -21.71 15.39 24.69
CA LYS A 584 -21.34 14.03 24.30
C LYS A 584 -20.13 13.49 25.05
N GLN A 585 -19.71 14.19 26.10
CA GLN A 585 -18.61 13.73 26.96
C GLN A 585 -18.88 14.03 28.44
N GLY B 41 25.32 9.09 -33.39
CA GLY B 41 24.70 9.55 -32.12
C GLY B 41 25.20 8.77 -30.91
N ARG B 42 26.53 8.69 -30.80
CA ARG B 42 27.18 7.97 -29.69
C ARG B 42 28.24 8.82 -29.01
N GLN B 43 28.25 10.11 -29.32
CA GLN B 43 29.21 11.05 -28.74
C GLN B 43 28.96 11.27 -27.24
N LYS B 44 27.69 11.46 -26.89
CA LYS B 44 27.28 11.65 -25.49
C LYS B 44 27.70 10.49 -24.60
N ALA B 45 27.45 9.27 -25.09
CA ALA B 45 27.75 8.03 -24.36
C ALA B 45 29.25 7.88 -24.08
N ARG B 46 30.07 8.10 -25.11
CA ARG B 46 31.52 8.04 -24.98
C ARG B 46 32.05 9.06 -23.99
N GLY B 47 31.43 10.23 -23.96
CA GLY B 47 31.78 11.29 -23.02
C GLY B 47 31.41 10.91 -21.60
N ALA B 48 30.16 10.47 -21.42
CA ALA B 48 29.64 10.04 -20.12
C ALA B 48 30.51 8.93 -19.52
N ALA B 49 30.90 7.96 -20.35
CA ALA B 49 31.75 6.86 -19.93
C ALA B 49 33.15 7.32 -19.51
N THR B 50 33.71 8.27 -20.25
CA THR B 50 35.02 8.84 -19.94
C THR B 50 35.00 9.58 -18.61
N ARG B 51 33.99 10.43 -18.42
CA ARG B 51 33.84 11.22 -17.20
C ARG B 51 33.65 10.36 -15.95
N ALA B 52 32.81 9.33 -16.06
CA ALA B 52 32.51 8.43 -14.94
C ALA B 52 33.72 7.62 -14.48
N ARG B 53 34.56 7.24 -15.45
CA ARG B 53 35.79 6.50 -15.18
C ARG B 53 36.81 7.36 -14.43
N GLN B 54 36.81 8.66 -14.70
CA GLN B 54 37.69 9.60 -13.99
C GLN B 54 37.27 9.77 -12.53
N LYS B 55 35.97 9.90 -12.31
CA LYS B 55 35.42 10.01 -10.96
C LYS B 55 35.70 8.76 -10.13
N GLN B 56 35.56 7.59 -10.76
CA GLN B 56 35.84 6.31 -10.12
C GLN B 56 37.33 6.15 -9.80
N ARG B 57 38.18 6.64 -10.71
CA ARG B 57 39.62 6.63 -10.52
C ARG B 57 40.00 7.50 -9.33
N ALA B 58 39.45 8.72 -9.31
CA ALA B 58 39.71 9.69 -8.25
C ALA B 58 39.10 9.25 -6.91
N SER B 59 37.96 8.56 -6.97
CA SER B 59 37.33 7.99 -5.78
C SER B 59 38.29 7.02 -5.10
N LEU B 60 38.83 6.10 -5.89
CA LEU B 60 39.75 5.08 -5.42
C LEU B 60 41.08 5.66 -4.94
N GLU B 61 41.57 6.68 -5.63
CA GLU B 61 42.80 7.37 -5.24
C GLU B 61 42.66 8.10 -3.90
N THR B 62 41.49 8.71 -3.67
CA THR B 62 41.18 9.37 -2.40
C THR B 62 41.16 8.34 -1.28
N MET B 63 40.48 7.22 -1.52
CA MET B 63 40.42 6.11 -0.57
C MET B 63 41.81 5.63 -0.18
N ASP B 64 42.63 5.36 -1.18
CA ASP B 64 43.99 4.86 -1.01
C ASP B 64 44.83 5.79 -0.13
N LYS B 65 44.77 7.09 -0.42
CA LYS B 65 45.53 8.08 0.33
C LYS B 65 45.03 8.25 1.76
N ALA B 66 43.72 8.03 1.96
CA ALA B 66 43.10 8.10 3.28
C ALA B 66 43.49 6.91 4.16
N VAL B 67 43.53 5.72 3.58
CA VAL B 67 43.86 4.51 4.34
C VAL B 67 45.35 4.40 4.63
N GLN B 68 46.17 4.86 3.70
CA GLN B 68 47.63 4.91 3.90
C GLN B 68 48.00 5.90 5.00
N ARG B 69 47.22 6.97 5.13
CA ARG B 69 47.41 7.94 6.21
C ARG B 69 47.06 7.36 7.58
N PHE B 70 45.91 6.68 7.66
CA PHE B 70 45.46 6.10 8.93
C PHE B 70 46.30 4.91 9.36
N ARG B 71 46.65 4.04 8.41
CA ARG B 71 47.47 2.86 8.72
C ARG B 71 48.83 3.24 9.27
N LEU B 72 49.46 4.23 8.66
CA LEU B 72 50.79 4.70 9.09
C LEU B 72 50.73 5.39 10.44
N GLN B 73 49.66 6.15 10.68
CA GLN B 73 49.48 6.85 11.94
C GLN B 73 49.00 5.91 13.06
N ASN B 74 48.35 4.82 12.68
CA ASN B 74 47.88 3.81 13.64
C ASN B 74 48.39 2.40 13.32
N PRO B 75 49.73 2.19 13.40
CA PRO B 75 50.28 0.90 12.99
C PRO B 75 50.05 -0.22 14.01
N ASP B 76 49.91 0.16 15.28
CA ASP B 76 49.65 -0.75 16.39
C ASP B 76 48.34 -1.54 16.22
N LEU B 77 47.35 -0.90 15.60
CA LEU B 77 46.01 -1.46 15.42
C LEU B 77 45.97 -2.79 14.67
N ASP B 78 45.29 -3.78 15.25
CA ASP B 78 45.14 -5.11 14.67
C ASP B 78 43.97 -5.17 13.69
N SER B 79 44.27 -5.09 12.40
CA SER B 79 43.27 -5.05 11.33
C SER B 79 42.57 -6.38 11.11
N GLU B 80 43.32 -7.47 11.23
CA GLU B 80 42.80 -8.81 10.93
C GLU B 80 41.73 -9.25 11.92
N ALA B 81 41.98 -9.02 13.21
CA ALA B 81 40.99 -9.30 14.25
C ALA B 81 39.73 -8.45 14.05
N LEU B 82 39.93 -7.23 13.55
CA LEU B 82 38.86 -6.27 13.31
C LEU B 82 37.87 -6.77 12.26
N LEU B 83 38.39 -7.17 11.10
CA LEU B 83 37.55 -7.50 9.94
C LEU B 83 36.78 -8.81 10.07
N THR B 84 37.28 -9.73 10.89
CA THR B 84 36.63 -11.03 11.05
C THR B 84 35.58 -11.03 12.17
N LEU B 85 35.57 -9.97 12.96
CA LEU B 85 34.54 -9.76 13.99
C LEU B 85 33.15 -9.68 13.36
N PRO B 86 32.20 -10.52 13.85
CA PRO B 86 30.81 -10.35 13.45
C PRO B 86 30.29 -8.98 13.87
N LEU B 87 29.46 -8.37 13.02
CA LEU B 87 28.98 -7.00 13.22
C LEU B 87 28.38 -6.75 14.60
N LEU B 88 27.68 -7.74 15.13
CA LEU B 88 27.06 -7.62 16.46
C LEU B 88 28.12 -7.37 17.54
N GLN B 89 29.24 -8.09 17.45
CA GLN B 89 30.37 -7.90 18.37
C GLN B 89 31.12 -6.60 18.08
N LEU B 90 31.11 -6.19 16.80
CA LEU B 90 31.78 -4.98 16.36
C LEU B 90 31.13 -3.71 16.93
N VAL B 91 29.80 -3.66 16.94
CA VAL B 91 29.08 -2.50 17.51
C VAL B 91 29.18 -2.50 19.04
N GLN B 92 29.28 -3.69 19.61
CA GLN B 92 29.40 -3.89 21.05
C GLN B 92 30.72 -3.30 21.57
N LYS B 93 31.80 -3.52 20.82
CA LYS B 93 33.10 -2.94 21.14
C LYS B 93 33.17 -1.45 20.82
N LEU B 94 32.29 -1.00 19.93
CA LEU B 94 32.21 0.42 19.58
C LEU B 94 31.41 1.22 20.60
N GLN B 95 30.34 0.63 21.13
CA GLN B 95 29.49 1.28 22.12
C GLN B 95 30.17 1.36 23.49
N SER B 96 31.02 0.36 23.77
CA SER B 96 31.78 0.30 25.02
C SER B 96 33.02 1.19 24.99
N GLY B 97 33.47 1.54 23.78
CA GLY B 97 34.65 2.38 23.61
C GLY B 97 35.95 1.61 23.58
N GLU B 98 35.87 0.29 23.41
CA GLU B 98 37.04 -0.56 23.25
C GLU B 98 37.67 -0.34 21.87
N LEU B 99 36.83 -0.04 20.88
CA LEU B 99 37.27 0.34 19.54
C LEU B 99 36.70 1.71 19.20
N SER B 100 37.47 2.49 18.46
CA SER B 100 37.03 3.82 18.02
C SER B 100 36.41 3.76 16.62
N PRO B 101 35.46 4.67 16.32
CA PRO B 101 34.82 4.74 15.00
C PRO B 101 35.83 4.98 13.87
N GLU B 102 36.89 5.73 14.16
CA GLU B 102 37.98 5.98 13.21
C GLU B 102 38.68 4.68 12.87
N ALA B 103 38.85 3.82 13.87
CA ALA B 103 39.51 2.53 13.71
C ALA B 103 38.75 1.62 12.76
N VAL B 104 37.48 1.37 13.04
CA VAL B 104 36.65 0.47 12.21
C VAL B 104 36.41 1.01 10.80
N PHE B 105 36.32 2.34 10.66
CA PHE B 105 36.05 2.95 9.37
C PHE B 105 37.17 2.72 8.36
N PHE B 106 38.39 3.16 8.70
CA PHE B 106 39.52 3.07 7.77
C PHE B 106 40.06 1.65 7.59
N THR B 107 39.81 0.79 8.57
CA THR B 107 40.14 -0.64 8.45
C THR B 107 39.25 -1.30 7.40
N TYR B 108 37.97 -0.97 7.41
CA TYR B 108 37.04 -1.46 6.38
C TYR B 108 37.25 -0.78 5.03
N LEU B 109 37.60 0.51 5.07
CA LEU B 109 37.86 1.28 3.84
C LEU B 109 39.03 0.66 3.07
N GLY B 110 40.07 0.28 3.82
CA GLY B 110 41.24 -0.37 3.24
C GLY B 110 40.90 -1.69 2.60
N LYS B 111 40.08 -2.48 3.28
CA LYS B 111 39.64 -3.78 2.78
C LYS B 111 38.77 -3.62 1.53
N ALA B 112 37.89 -2.61 1.56
CA ALA B 112 37.02 -2.31 0.42
C ALA B 112 37.83 -1.96 -0.83
N TRP B 113 38.84 -1.11 -0.66
CA TRP B 113 39.75 -0.74 -1.74
C TRP B 113 40.48 -1.97 -2.30
N GLU B 114 40.95 -2.83 -1.40
CA GLU B 114 41.72 -4.02 -1.79
C GLU B 114 40.87 -5.08 -2.50
N VAL B 115 39.67 -5.36 -2.00
CA VAL B 115 38.77 -6.32 -2.66
C VAL B 115 38.27 -5.81 -4.01
N ASN B 116 38.21 -4.49 -4.15
CA ASN B 116 37.76 -3.86 -5.38
C ASN B 116 38.68 -4.14 -6.57
N LYS B 117 39.96 -4.41 -6.28
CA LYS B 117 40.95 -4.67 -7.33
C LYS B 117 40.60 -5.91 -8.14
N GLY B 118 39.99 -6.90 -7.50
CA GLY B 118 39.61 -8.14 -8.16
C GLY B 118 38.16 -8.26 -8.59
N THR B 119 37.32 -7.32 -8.14
CA THR B 119 35.88 -7.41 -8.40
C THR B 119 35.32 -6.27 -9.24
N ASN B 120 35.85 -5.06 -9.04
CA ASN B 120 35.32 -3.85 -9.66
C ASN B 120 33.86 -3.62 -9.24
N CYS B 121 33.67 -3.28 -7.97
CA CYS B 121 32.33 -3.15 -7.41
C CYS B 121 32.05 -1.77 -6.83
N VAL B 122 33.11 -1.05 -6.44
CA VAL B 122 32.98 0.31 -5.94
C VAL B 122 32.87 1.28 -7.12
N THR B 123 31.79 2.06 -7.13
CA THR B 123 31.55 3.03 -8.20
C THR B 123 31.97 4.44 -7.81
N SER B 124 31.87 4.75 -6.51
CA SER B 124 32.09 6.10 -6.00
C SER B 124 32.37 6.08 -4.50
N TYR B 125 33.27 6.96 -4.06
CA TYR B 125 33.57 7.16 -2.66
C TYR B 125 32.87 8.41 -2.16
N LEU B 126 31.95 8.22 -1.20
CA LEU B 126 31.13 9.32 -0.69
C LEU B 126 31.92 10.15 0.32
N THR B 127 32.53 11.23 -0.14
CA THR B 127 33.54 11.99 0.63
C THR B 127 33.04 12.60 1.95
N ASP B 128 31.74 12.90 2.02
CA ASP B 128 31.11 13.44 3.23
C ASP B 128 31.34 12.58 4.47
N CYS B 129 31.53 11.27 4.23
CA CYS B 129 31.65 10.27 5.29
C CYS B 129 32.66 10.59 6.39
N GLU B 130 33.79 11.20 6.02
CA GLU B 130 34.86 11.49 7.00
C GLU B 130 34.48 12.56 8.03
N THR B 131 33.68 13.53 7.62
CA THR B 131 33.16 14.54 8.55
C THR B 131 31.95 14.01 9.34
N GLN B 132 31.09 13.24 8.65
CA GLN B 132 29.96 12.55 9.28
C GLN B 132 30.43 11.51 10.31
N LEU B 133 31.61 10.93 10.05
CA LEU B 133 32.28 9.99 10.95
C LEU B 133 32.49 10.56 12.34
N SER B 134 32.96 11.81 12.42
CA SER B 134 33.18 12.49 13.69
C SER B 134 31.87 12.95 14.32
N GLN B 135 30.86 13.16 13.48
CA GLN B 135 29.57 13.72 13.90
C GLN B 135 28.46 12.67 14.06
N ALA B 136 28.84 11.41 14.23
CA ALA B 136 27.87 10.33 14.42
C ALA B 136 27.22 10.39 15.80
N PRO B 137 25.88 10.32 15.87
CA PRO B 137 25.17 10.29 17.14
C PRO B 137 25.59 9.08 17.98
N ARG B 138 26.14 9.34 19.16
CA ARG B 138 26.67 8.31 20.06
C ARG B 138 25.60 7.32 20.53
N GLN B 139 24.37 7.80 20.67
CA GLN B 139 23.24 6.97 21.13
C GLN B 139 22.73 6.00 20.06
N GLY B 140 23.07 6.27 18.80
CA GLY B 140 22.62 5.45 17.67
C GLY B 140 22.95 3.97 17.77
N LEU B 141 22.07 3.13 17.23
CA LEU B 141 22.22 1.68 17.30
C LEU B 141 23.24 1.15 16.30
N LEU B 142 23.62 1.97 15.33
CA LEU B 142 24.63 1.61 14.34
C LEU B 142 25.84 2.53 14.38
N TYR B 143 26.19 2.98 15.58
CA TYR B 143 27.26 3.97 15.78
C TYR B 143 28.62 3.47 15.30
N GLY B 144 29.21 4.21 14.36
CA GLY B 144 30.53 3.88 13.81
C GLY B 144 30.53 2.81 12.73
N VAL B 145 29.34 2.29 12.40
CA VAL B 145 29.23 1.22 11.41
C VAL B 145 29.29 1.77 9.98
N PRO B 146 30.27 1.28 9.19
CA PRO B 146 30.37 1.66 7.78
C PRO B 146 29.37 0.89 6.93
N VAL B 147 28.56 1.60 6.15
CA VAL B 147 27.53 0.97 5.34
C VAL B 147 27.76 1.24 3.85
N SER B 148 27.66 0.18 3.05
CA SER B 148 27.82 0.31 1.61
C SER B 148 26.46 0.43 0.93
N LEU B 149 26.35 1.37 0.00
CA LEU B 149 25.07 1.64 -0.68
C LEU B 149 25.10 1.28 -2.15
N LYS B 150 24.03 0.65 -2.61
CA LYS B 150 23.77 0.46 -4.04
C LYS B 150 23.61 1.84 -4.68
N GLU B 151 24.04 1.96 -5.93
CA GLU B 151 24.13 3.26 -6.59
C GLU B 151 22.81 4.04 -6.67
N CYS B 152 21.68 3.34 -6.64
CA CYS B 152 20.36 3.97 -6.69
C CYS B 152 19.92 4.61 -5.36
N PHE B 153 20.69 4.39 -4.30
CA PHE B 153 20.45 5.05 -3.02
C PHE B 153 21.10 6.43 -3.04
N SER B 154 20.34 7.42 -3.49
CA SER B 154 20.86 8.77 -3.73
C SER B 154 21.50 9.43 -2.50
N TYR B 155 22.71 9.93 -2.73
CA TYR B 155 23.53 10.56 -1.71
C TYR B 155 23.92 11.95 -2.22
N LYS B 156 23.85 12.94 -1.34
CA LYS B 156 24.06 14.34 -1.72
C LYS B 156 25.42 14.59 -2.38
N GLY B 157 25.39 15.18 -3.58
CA GLY B 157 26.58 15.51 -4.33
C GLY B 157 27.10 14.41 -5.24
N HIS B 158 26.37 13.31 -5.30
CA HIS B 158 26.78 12.16 -6.11
C HIS B 158 25.70 11.73 -7.10
N ASP B 159 26.12 11.06 -8.16
CA ASP B 159 25.22 10.59 -9.20
C ASP B 159 24.62 9.23 -8.86
N SER B 160 23.42 9.00 -9.37
CA SER B 160 22.81 7.68 -9.41
C SER B 160 22.61 7.34 -10.89
N THR B 161 23.70 6.95 -11.54
CA THR B 161 23.74 6.76 -13.00
C THR B 161 22.87 5.60 -13.45
N LEU B 162 22.86 4.53 -12.64
CA LEU B 162 22.20 3.26 -12.95
C LEU B 162 22.75 2.65 -14.24
N GLY B 163 23.94 3.09 -14.63
CA GLY B 163 24.60 2.62 -15.84
C GLY B 163 24.18 3.34 -17.11
N LEU B 164 23.31 4.33 -16.97
CA LEU B 164 22.80 5.09 -18.11
C LEU B 164 23.57 6.39 -18.32
N SER B 165 23.63 6.82 -19.58
CA SER B 165 24.27 8.09 -19.94
C SER B 165 23.51 9.29 -19.37
N LEU B 166 22.20 9.33 -19.62
CA LEU B 166 21.37 10.49 -19.26
C LEU B 166 21.35 10.84 -17.77
N ASN B 167 21.94 9.98 -16.93
CA ASN B 167 22.01 10.22 -15.49
C ASN B 167 23.41 10.59 -15.00
N GLU B 168 24.38 10.60 -15.91
CA GLU B 168 25.74 11.03 -15.61
C GLU B 168 25.78 12.56 -15.58
N GLY B 169 26.54 13.10 -14.64
CA GLY B 169 26.67 14.55 -14.49
C GLY B 169 25.41 15.22 -13.97
N MET B 170 24.59 14.45 -13.26
CA MET B 170 23.42 15.00 -12.57
C MET B 170 23.45 14.51 -11.13
N PRO B 171 24.23 15.21 -10.27
CA PRO B 171 24.35 14.78 -8.88
C PRO B 171 23.06 14.98 -8.09
N SER B 172 22.85 14.14 -7.09
CA SER B 172 21.71 14.27 -6.18
C SER B 172 21.89 15.49 -5.29
N GLU B 173 20.81 16.24 -5.09
CA GLU B 173 20.84 17.42 -4.24
C GLU B 173 20.33 17.11 -2.84
N SER B 174 20.16 15.82 -2.54
CA SER B 174 19.58 15.39 -1.28
C SER B 174 19.87 13.91 -1.01
N ASP B 175 20.16 13.58 0.25
CA ASP B 175 20.21 12.19 0.69
C ASP B 175 18.78 11.64 0.70
N CYS B 176 18.60 10.40 0.25
CA CYS B 176 17.30 9.75 0.35
C CYS B 176 16.99 9.40 1.81
N VAL B 177 15.72 9.07 2.08
CA VAL B 177 15.23 8.93 3.45
C VAL B 177 16.00 7.90 4.27
N VAL B 178 16.19 6.69 3.71
CA VAL B 178 16.89 5.62 4.44
C VAL B 178 18.34 5.99 4.77
N VAL B 179 18.98 6.75 3.88
CA VAL B 179 20.34 7.23 4.12
C VAL B 179 20.36 8.20 5.31
N GLN B 180 19.33 9.03 5.41
CA GLN B 180 19.18 9.97 6.52
C GLN B 180 19.06 9.24 7.85
N VAL B 181 18.21 8.21 7.91
CA VAL B 181 17.98 7.49 9.17
C VAL B 181 19.21 6.73 9.62
N LEU B 182 19.96 6.17 8.66
CA LEU B 182 21.22 5.50 8.94
C LEU B 182 22.20 6.43 9.64
N LYS B 183 22.41 7.60 9.06
CA LYS B 183 23.25 8.64 9.67
C LYS B 183 22.72 9.06 11.05
N LEU B 184 21.39 9.18 11.16
CA LEU B 184 20.74 9.54 12.42
C LEU B 184 20.85 8.43 13.46
N GLN B 185 21.18 7.22 13.01
CA GLN B 185 21.38 6.07 13.88
C GLN B 185 22.88 5.78 14.07
N GLY B 186 23.72 6.72 13.65
CA GLY B 186 25.17 6.63 13.86
C GLY B 186 25.95 5.93 12.75
N ALA B 187 25.26 5.46 11.72
CA ALA B 187 25.89 4.75 10.62
C ALA B 187 26.63 5.70 9.68
N VAL B 188 27.67 5.18 9.02
CA VAL B 188 28.50 5.96 8.12
C VAL B 188 28.54 5.31 6.74
N PRO B 189 27.67 5.74 5.82
CA PRO B 189 27.75 5.25 4.45
C PRO B 189 29.03 5.74 3.77
N PHE B 190 29.79 4.83 3.17
CA PHE B 190 31.11 5.19 2.66
C PHE B 190 31.33 5.07 1.15
N VAL B 191 30.57 4.17 0.50
CA VAL B 191 30.73 3.94 -0.96
C VAL B 191 29.41 3.69 -1.69
N HIS B 192 29.41 4.03 -2.98
CA HIS B 192 28.36 3.60 -3.91
C HIS B 192 28.85 2.37 -4.68
N THR B 193 27.98 1.38 -4.82
CA THR B 193 28.36 0.11 -5.44
C THR B 193 27.69 -0.14 -6.79
N ASN B 194 28.39 -0.87 -7.65
CA ASN B 194 28.01 -1.04 -9.06
C ASN B 194 26.71 -1.81 -9.28
N VAL B 195 26.03 -1.48 -10.37
CA VAL B 195 24.79 -2.14 -10.78
C VAL B 195 24.85 -2.47 -12.29
N PRO B 196 24.07 -3.48 -12.75
CA PRO B 196 23.92 -3.65 -14.18
C PRO B 196 23.16 -2.48 -14.79
N GLN B 197 23.34 -2.25 -16.08
CA GLN B 197 22.71 -1.12 -16.76
C GLN B 197 21.19 -1.17 -16.63
N SER B 198 20.60 -0.01 -16.35
CA SER B 198 19.14 0.15 -16.14
C SER B 198 18.57 -0.64 -14.96
N MET B 199 19.40 -1.46 -14.33
CA MET B 199 19.04 -2.25 -13.14
C MET B 199 18.09 -3.43 -13.38
N LEU B 200 17.63 -3.62 -14.61
CA LEU B 200 16.71 -4.72 -14.90
C LEU B 200 17.49 -5.93 -15.43
N SER B 201 18.28 -6.51 -14.52
CA SER B 201 19.14 -7.66 -14.82
C SER B 201 19.61 -8.29 -13.51
N PHE B 202 19.86 -9.59 -13.54
CA PHE B 202 20.56 -10.22 -12.42
C PHE B 202 22.00 -10.62 -12.77
N ASP B 203 22.58 -9.84 -13.68
CA ASP B 203 24.01 -9.79 -13.93
C ASP B 203 24.44 -8.43 -13.39
N CYS B 204 25.67 -8.00 -13.68
CA CYS B 204 26.17 -6.73 -13.14
C CYS B 204 27.24 -6.07 -14.01
N SER B 205 26.82 -5.46 -15.10
CA SER B 205 27.73 -4.74 -16.00
C SER B 205 27.06 -3.54 -16.67
N ASN B 206 27.78 -2.42 -16.75
CA ASN B 206 27.31 -1.23 -17.46
C ASN B 206 28.45 -0.52 -18.20
N PRO B 207 28.13 0.19 -19.31
CA PRO B 207 29.15 0.82 -20.14
C PRO B 207 29.98 1.89 -19.45
N LEU B 208 29.49 2.41 -18.33
CA LEU B 208 30.16 3.48 -17.60
C LEU B 208 31.30 2.97 -16.71
N PHE B 209 30.99 2.05 -15.80
CA PHE B 209 31.96 1.56 -14.81
C PHE B 209 32.44 0.14 -15.08
N GLY B 210 31.95 -0.47 -16.15
CA GLY B 210 32.37 -1.81 -16.55
C GLY B 210 31.66 -2.94 -15.84
N GLN B 211 32.36 -4.08 -15.75
CA GLN B 211 31.80 -5.33 -15.27
C GLN B 211 32.22 -5.61 -13.83
N THR B 212 31.28 -6.15 -13.06
CA THR B 212 31.56 -6.57 -11.69
C THR B 212 31.77 -8.08 -11.67
N MET B 213 32.72 -8.53 -10.86
CA MET B 213 33.07 -9.95 -10.78
C MET B 213 32.80 -10.57 -9.41
N ASN B 214 32.41 -11.84 -9.43
CA ASN B 214 32.19 -12.62 -8.22
C ASN B 214 33.51 -12.81 -7.47
N PRO B 215 33.54 -12.47 -6.17
CA PRO B 215 34.78 -12.52 -5.41
C PRO B 215 35.30 -13.94 -5.17
N TRP B 216 34.51 -14.94 -5.53
CA TRP B 216 34.91 -16.34 -5.39
C TRP B 216 35.48 -16.91 -6.70
N LYS B 217 34.98 -16.42 -7.83
CA LYS B 217 35.42 -16.89 -9.14
C LYS B 217 35.27 -15.80 -10.20
N SER B 218 36.39 -15.47 -10.84
CA SER B 218 36.48 -14.39 -11.84
C SER B 218 35.52 -14.55 -13.03
N SER B 219 35.32 -15.80 -13.47
CA SER B 219 34.47 -16.10 -14.61
C SER B 219 32.99 -16.00 -14.27
N LYS B 220 32.68 -15.83 -12.99
CA LYS B 220 31.29 -15.86 -12.53
C LYS B 220 30.71 -14.46 -12.29
N SER B 221 29.41 -14.34 -12.57
CA SER B 221 28.66 -13.14 -12.26
C SER B 221 28.39 -13.06 -10.77
N PRO B 222 28.40 -11.85 -10.19
CA PRO B 222 28.12 -11.72 -8.76
C PRO B 222 26.60 -11.64 -8.48
N GLY B 223 25.79 -11.76 -9.52
CA GLY B 223 24.35 -11.55 -9.40
C GLY B 223 24.04 -10.08 -9.55
N GLY B 224 22.75 -9.73 -9.42
CA GLY B 224 22.30 -8.36 -9.61
C GLY B 224 20.83 -8.19 -9.30
N SER B 225 20.34 -6.96 -9.22
CA SER B 225 21.13 -5.77 -9.56
C SER B 225 22.03 -5.23 -8.43
N SER B 226 21.88 -5.76 -7.22
CA SER B 226 22.76 -5.36 -6.11
C SER B 226 24.10 -6.09 -6.17
N GLY B 227 24.61 -6.26 -7.40
CA GLY B 227 25.84 -7.01 -7.65
C GLY B 227 27.08 -6.46 -6.95
N GLY B 228 27.24 -5.14 -7.02
CA GLY B 228 28.30 -4.46 -6.27
C GLY B 228 28.28 -4.79 -4.79
N GLU B 229 27.09 -4.71 -4.20
CA GLU B 229 26.89 -5.05 -2.79
C GLU B 229 27.25 -6.50 -2.50
N GLY B 230 26.88 -7.38 -3.43
CA GLY B 230 27.19 -8.81 -3.32
C GLY B 230 28.69 -9.06 -3.23
N ALA B 231 29.43 -8.51 -4.18
CA ALA B 231 30.87 -8.70 -4.26
C ALA B 231 31.60 -8.08 -3.06
N LEU B 232 31.22 -6.85 -2.73
CA LEU B 232 31.86 -6.12 -1.64
C LEU B 232 31.71 -6.86 -0.31
N ILE B 233 30.47 -7.00 0.14
CA ILE B 233 30.15 -7.71 1.39
C ILE B 233 30.63 -9.15 1.35
N GLY B 234 30.50 -9.80 0.19
CA GLY B 234 30.89 -11.19 -0.01
C GLY B 234 32.35 -11.52 0.22
N SER B 235 33.20 -10.48 0.23
CA SER B 235 34.63 -10.65 0.49
C SER B 235 35.12 -9.80 1.67
N GLY B 236 34.17 -9.41 2.53
CA GLY B 236 34.48 -8.66 3.75
C GLY B 236 34.80 -7.18 3.57
N GLY B 237 34.43 -6.63 2.42
CA GLY B 237 34.64 -5.20 2.15
C GLY B 237 33.68 -4.27 2.89
N SER B 238 32.61 -4.85 3.43
CA SER B 238 31.61 -4.10 4.19
C SER B 238 30.82 -5.05 5.09
N PRO B 239 30.48 -4.58 6.32
CA PRO B 239 29.68 -5.39 7.25
C PRO B 239 28.17 -5.32 6.96
N LEU B 240 27.74 -4.29 6.23
CA LEU B 240 26.32 -4.04 5.99
C LEU B 240 26.11 -3.25 4.69
N GLY B 241 25.00 -3.53 4.02
CA GLY B 241 24.68 -2.88 2.77
C GLY B 241 23.19 -2.80 2.50
N LEU B 242 22.82 -1.93 1.57
CA LEU B 242 21.42 -1.75 1.18
C LEU B 242 21.23 -2.01 -0.31
N GLY B 243 20.20 -2.78 -0.64
CA GLY B 243 19.87 -3.07 -2.03
C GLY B 243 18.38 -2.95 -2.31
N THR B 244 18.03 -2.92 -3.59
CA THR B 244 16.63 -2.95 -4.02
C THR B 244 16.31 -4.30 -4.67
N ASP B 245 15.02 -4.57 -4.86
CA ASP B 245 14.56 -5.86 -5.37
C ASP B 245 13.18 -5.71 -6.01
N ILE B 246 13.15 -5.80 -7.33
CA ILE B 246 11.89 -5.87 -8.08
C ILE B 246 11.63 -7.30 -8.56
N GLY B 247 12.68 -8.11 -8.65
CA GLY B 247 12.58 -9.46 -9.18
C GLY B 247 13.67 -10.40 -8.69
N GLY B 248 14.38 -10.00 -7.64
CA GLY B 248 15.41 -10.84 -7.04
C GLY B 248 16.72 -10.12 -6.82
N SER B 249 16.72 -8.79 -7.02
CA SER B 249 17.95 -7.98 -6.99
C SER B 249 18.71 -7.97 -5.66
N ILE B 250 18.07 -8.39 -4.57
CA ILE B 250 18.76 -8.57 -3.30
C ILE B 250 19.15 -10.04 -3.14
N ARG B 251 18.23 -10.92 -3.55
CA ARG B 251 18.37 -12.35 -3.33
C ARG B 251 19.34 -13.05 -4.27
N PHE B 252 19.44 -12.58 -5.51
CA PHE B 252 20.39 -13.13 -6.48
C PHE B 252 21.85 -12.90 -6.10
N PRO B 253 22.24 -11.63 -5.81
CA PRO B 253 23.64 -11.38 -5.40
C PRO B 253 24.01 -11.97 -4.04
N SER B 254 23.06 -12.05 -3.11
CA SER B 254 23.32 -12.65 -1.81
C SER B 254 23.58 -14.15 -1.92
N ALA B 255 22.82 -14.83 -2.78
CA ALA B 255 22.98 -16.26 -3.02
C ALA B 255 24.27 -16.57 -3.77
N PHE B 256 24.60 -15.74 -4.75
CA PHE B 256 25.75 -15.95 -5.64
C PHE B 256 27.09 -15.69 -4.96
N CYS B 257 27.08 -14.76 -4.00
CA CYS B 257 28.30 -14.37 -3.29
C CYS B 257 28.38 -14.95 -1.88
N GLY B 258 27.30 -15.62 -1.47
CA GLY B 258 27.27 -16.33 -0.19
C GLY B 258 27.10 -15.48 1.05
N ILE B 259 26.24 -14.46 0.95
CA ILE B 259 25.88 -13.63 2.09
C ILE B 259 24.37 -13.64 2.34
N CYS B 260 23.94 -13.01 3.44
CA CYS B 260 22.53 -12.92 3.79
C CYS B 260 21.91 -11.64 3.24
N GLY B 261 20.67 -11.75 2.78
CA GLY B 261 19.90 -10.60 2.32
C GLY B 261 18.44 -10.79 2.64
N LEU B 262 17.70 -9.68 2.76
CA LEU B 262 16.28 -9.74 3.02
C LEU B 262 15.52 -8.77 2.14
N LYS B 263 14.49 -9.28 1.48
CA LYS B 263 13.56 -8.46 0.72
C LYS B 263 12.22 -8.37 1.48
N PRO B 264 12.00 -7.25 2.19
CA PRO B 264 10.75 -7.01 2.94
C PRO B 264 9.57 -6.77 2.03
N THR B 265 8.39 -6.59 2.64
CA THR B 265 7.20 -6.13 1.91
C THR B 265 7.54 -4.77 1.32
N GLY B 266 7.13 -4.56 0.08
CA GLY B 266 7.44 -3.33 -0.66
C GLY B 266 7.52 -2.07 0.20
N ASN B 267 6.51 -1.86 1.03
CA ASN B 267 6.37 -0.63 1.80
C ASN B 267 6.68 -0.73 3.30
N ARG B 268 7.54 -1.67 3.67
CA ARG B 268 8.00 -1.75 5.06
C ARG B 268 9.03 -0.67 5.34
N LEU B 269 9.81 -0.31 4.32
CA LEU B 269 10.79 0.75 4.42
C LEU B 269 10.53 1.85 3.38
N SER B 270 11.07 3.03 3.64
CA SER B 270 10.85 4.21 2.80
C SER B 270 11.56 4.13 1.45
N LYS B 271 10.77 4.22 0.37
CA LYS B 271 11.29 4.20 -0.99
C LYS B 271 11.62 5.61 -1.51
N SER B 272 11.33 6.61 -0.70
CA SER B 272 11.47 8.01 -1.10
C SER B 272 12.92 8.41 -1.31
N GLY B 273 13.23 8.86 -2.52
CA GLY B 273 14.58 9.29 -2.88
C GLY B 273 15.36 8.26 -3.69
N LEU B 274 14.78 7.08 -3.87
CA LEU B 274 15.41 6.04 -4.69
C LEU B 274 15.30 6.35 -6.18
N LYS B 275 16.42 6.21 -6.88
CA LYS B 275 16.44 6.41 -8.33
C LYS B 275 16.05 5.11 -9.03
N GLY B 276 15.25 5.22 -10.08
CA GLY B 276 14.84 4.06 -10.87
C GLY B 276 14.65 4.40 -12.33
N CYS B 277 14.35 3.39 -13.14
CA CYS B 277 14.08 3.59 -14.56
C CYS B 277 12.67 4.10 -14.83
N VAL B 278 11.70 3.40 -14.25
CA VAL B 278 10.30 3.69 -14.48
C VAL B 278 9.60 3.94 -13.15
N TYR B 279 8.88 5.05 -13.07
CA TYR B 279 8.13 5.38 -11.86
C TYR B 279 6.63 5.19 -12.09
N GLY B 280 5.92 4.78 -11.05
CA GLY B 280 4.47 4.60 -11.13
C GLY B 280 4.01 3.18 -11.40
N GLN B 281 4.95 2.25 -11.53
CA GLN B 281 4.63 0.84 -11.66
C GLN B 281 4.41 0.27 -10.26
N THR B 282 3.16 -0.09 -9.96
CA THR B 282 2.79 -0.53 -8.60
C THR B 282 2.27 -1.97 -8.55
N ALA B 283 2.00 -2.56 -9.72
CA ALA B 283 1.51 -3.93 -9.80
C ALA B 283 2.51 -4.92 -9.18
N VAL B 284 3.77 -4.83 -9.61
CA VAL B 284 4.84 -5.67 -9.07
C VAL B 284 5.71 -4.83 -8.14
N GLN B 285 5.73 -5.22 -6.87
CA GLN B 285 6.27 -4.38 -5.80
C GLN B 285 7.79 -4.31 -5.72
N LEU B 286 8.31 -3.09 -5.80
CA LEU B 286 9.72 -2.80 -5.57
C LEU B 286 10.00 -2.74 -4.07
N SER B 287 11.06 -3.41 -3.64
CA SER B 287 11.39 -3.48 -2.22
C SER B 287 12.87 -3.19 -1.99
N LEU B 288 13.18 -2.65 -0.82
CA LEU B 288 14.56 -2.41 -0.41
C LEU B 288 14.86 -3.09 0.92
N GLY B 289 16.10 -3.53 1.09
CA GLY B 289 16.48 -4.27 2.28
C GLY B 289 17.97 -4.37 2.56
N PRO B 290 18.31 -4.88 3.76
CA PRO B 290 19.71 -5.03 4.17
C PRO B 290 20.40 -6.22 3.50
N MET B 291 21.73 -6.17 3.48
CA MET B 291 22.57 -7.27 3.03
C MET B 291 23.79 -7.32 3.93
N ALA B 292 24.08 -8.50 4.50
CA ALA B 292 25.16 -8.67 5.47
C ALA B 292 25.65 -10.11 5.55
N ARG B 293 26.70 -10.33 6.33
CA ARG B 293 27.35 -11.63 6.44
C ARG B 293 26.49 -12.66 7.19
N ASP B 294 25.86 -12.22 8.28
CA ASP B 294 24.94 -13.08 9.03
C ASP B 294 23.57 -12.42 9.25
N VAL B 295 22.55 -13.24 9.50
CA VAL B 295 21.17 -12.75 9.68
C VAL B 295 21.00 -11.87 10.92
N GLU B 296 21.84 -12.07 11.94
CA GLU B 296 21.84 -11.23 13.14
C GLU B 296 22.10 -9.76 12.80
N SER B 297 22.98 -9.54 11.82
CA SER B 297 23.29 -8.19 11.31
C SER B 297 22.13 -7.55 10.55
N LEU B 298 21.35 -8.38 9.85
CA LEU B 298 20.15 -7.93 9.14
C LEU B 298 19.07 -7.46 10.10
N ALA B 299 18.93 -8.19 11.21
CA ALA B 299 17.94 -7.89 12.24
C ALA B 299 18.28 -6.60 12.98
N LEU B 300 19.58 -6.39 13.21
CA LEU B 300 20.05 -5.18 13.86
C LEU B 300 19.85 -3.97 12.95
N CYS B 301 20.11 -4.17 11.65
CA CYS B 301 19.87 -3.12 10.65
C CYS B 301 18.39 -2.76 10.53
N LEU B 302 17.52 -3.76 10.55
CA LEU B 302 16.09 -3.54 10.41
C LEU B 302 15.48 -2.88 11.66
N LYS B 303 16.01 -3.24 12.83
CA LYS B 303 15.59 -2.63 14.08
C LYS B 303 15.98 -1.14 14.10
N ALA B 304 17.15 -0.85 13.53
CA ALA B 304 17.64 0.53 13.43
C ALA B 304 16.81 1.39 12.47
N LEU B 305 16.39 0.80 11.35
CA LEU B 305 15.59 1.51 10.36
C LEU B 305 14.14 1.71 10.81
N LEU B 306 13.55 0.67 11.39
CA LEU B 306 12.18 0.72 11.92
C LEU B 306 12.07 1.52 13.22
N CYS B 307 12.43 2.79 13.15
CA CYS B 307 12.46 3.65 14.33
C CYS B 307 11.67 4.94 14.09
N GLU B 308 11.64 5.79 15.11
CA GLU B 308 10.91 7.06 15.08
C GLU B 308 11.25 7.93 13.87
N HIS B 309 12.54 8.05 13.57
CA HIS B 309 13.03 8.93 12.51
C HIS B 309 12.53 8.55 11.11
N LEU B 310 12.48 7.26 10.80
CA LEU B 310 11.96 6.79 9.52
C LEU B 310 10.48 7.17 9.35
N PHE B 311 9.70 6.98 10.42
CA PHE B 311 8.26 7.24 10.37
C PHE B 311 7.92 8.73 10.34
N THR B 312 8.80 9.56 10.92
CA THR B 312 8.66 11.01 10.87
C THR B 312 9.09 11.54 9.50
N LEU B 313 10.19 11.00 8.97
CA LEU B 313 10.73 11.44 7.67
C LEU B 313 9.95 10.88 6.48
N ASP B 314 9.23 9.77 6.70
CA ASP B 314 8.28 9.26 5.71
C ASP B 314 7.03 8.69 6.38
N PRO B 315 5.98 9.52 6.49
CA PRO B 315 4.72 9.11 7.13
C PRO B 315 3.87 8.19 6.26
N THR B 316 4.26 7.96 5.01
CA THR B 316 3.56 7.01 4.15
C THR B 316 3.90 5.57 4.54
N VAL B 317 5.00 5.43 5.28
CA VAL B 317 5.44 4.14 5.81
C VAL B 317 4.66 3.82 7.08
N PRO B 318 3.94 2.68 7.08
CA PRO B 318 3.23 2.25 8.29
C PRO B 318 4.20 2.07 9.46
N PRO B 319 3.94 2.76 10.58
CA PRO B 319 4.84 2.74 11.73
C PRO B 319 4.82 1.41 12.51
N LEU B 320 5.27 0.35 11.85
CA LEU B 320 5.39 -0.97 12.47
C LEU B 320 6.78 -1.11 13.07
N PRO B 321 6.91 -1.00 14.41
CA PRO B 321 8.23 -1.14 15.01
C PRO B 321 8.74 -2.57 14.85
N PHE B 322 10.05 -2.76 15.03
CA PHE B 322 10.65 -4.09 14.97
C PHE B 322 10.15 -4.92 16.16
N ARG B 323 9.40 -5.97 15.87
CA ARG B 323 8.88 -6.84 16.91
C ARG B 323 9.92 -7.86 17.36
N GLU B 324 10.64 -7.51 18.42
CA GLU B 324 11.69 -8.35 18.99
C GLU B 324 11.18 -9.74 19.41
N GLU B 325 10.00 -9.77 20.03
CA GLU B 325 9.38 -11.02 20.50
C GLU B 325 9.24 -12.10 19.43
N VAL B 326 9.08 -11.67 18.18
CA VAL B 326 8.84 -12.58 17.07
C VAL B 326 10.16 -13.12 16.51
N TYR B 327 11.12 -12.22 16.27
CA TYR B 327 12.42 -12.61 15.73
C TYR B 327 13.17 -13.56 16.68
N ARG B 328 13.11 -13.26 17.97
CA ARG B 328 13.81 -14.02 19.00
C ARG B 328 13.12 -15.34 19.39
N SER B 329 11.91 -15.56 18.86
CA SER B 329 11.09 -16.73 19.17
C SER B 329 11.75 -18.08 18.88
N SER B 330 11.38 -19.10 19.65
CA SER B 330 11.92 -20.44 19.45
C SER B 330 10.85 -21.53 19.55
N ARG B 331 9.59 -21.16 19.35
CA ARG B 331 8.51 -22.13 19.22
C ARG B 331 8.65 -22.89 17.89
N PRO B 332 8.39 -24.22 17.89
CA PRO B 332 8.41 -25.00 16.64
C PRO B 332 7.50 -24.41 15.55
N LEU B 333 7.98 -24.45 14.31
CA LEU B 333 7.32 -23.80 13.17
C LEU B 333 6.72 -24.81 12.19
N ARG B 334 5.53 -24.49 11.68
CA ARG B 334 4.95 -25.24 10.58
C ARG B 334 5.51 -24.69 9.28
N VAL B 335 6.45 -25.44 8.70
CA VAL B 335 7.26 -24.98 7.58
C VAL B 335 6.77 -25.60 6.29
N GLY B 336 6.27 -24.76 5.39
CA GLY B 336 5.96 -25.19 4.03
C GLY B 336 7.25 -25.34 3.25
N TYR B 337 7.27 -26.20 2.23
CA TYR B 337 8.46 -26.38 1.40
C TYR B 337 8.16 -26.96 0.02
N TYR B 338 9.02 -26.64 -0.94
CA TYR B 338 9.09 -27.33 -2.22
C TYR B 338 10.54 -27.36 -2.73
N GLU B 339 10.89 -28.45 -3.43
CA GLU B 339 12.25 -28.63 -3.98
C GLU B 339 12.34 -28.09 -5.40
N THR B 340 11.19 -27.95 -6.04
CA THR B 340 11.10 -27.42 -7.41
C THR B 340 9.79 -26.66 -7.62
N ASP B 341 9.83 -25.63 -8.44
CA ASP B 341 8.63 -24.89 -8.81
C ASP B 341 8.02 -25.42 -10.10
N ASN B 342 8.65 -26.46 -10.66
CA ASN B 342 8.26 -27.08 -11.93
C ASN B 342 8.25 -26.12 -13.12
N TYR B 343 9.05 -25.07 -13.02
CA TYR B 343 9.22 -24.11 -14.09
C TYR B 343 10.70 -23.99 -14.44
N THR B 344 11.51 -23.80 -13.41
CA THR B 344 12.96 -23.83 -13.55
C THR B 344 13.47 -25.02 -12.76
N MET B 345 14.06 -25.98 -13.47
CA MET B 345 14.66 -27.14 -12.85
C MET B 345 15.84 -26.69 -11.99
N PRO B 346 15.82 -27.01 -10.69
CA PRO B 346 16.93 -26.63 -9.84
C PRO B 346 18.21 -27.40 -10.21
N SER B 347 19.36 -26.81 -9.90
CA SER B 347 20.63 -27.50 -10.08
C SER B 347 20.77 -28.56 -8.98
N PRO B 348 21.57 -29.61 -9.22
CA PRO B 348 21.82 -30.61 -8.18
C PRO B 348 22.32 -29.98 -6.87
N ALA B 349 23.07 -28.90 -6.96
CA ALA B 349 23.54 -28.18 -5.78
C ALA B 349 22.39 -27.56 -4.99
N MET B 350 21.42 -27.00 -5.71
CA MET B 350 20.22 -26.40 -5.13
C MET B 350 19.35 -27.44 -4.43
N ARG B 351 19.03 -28.51 -5.16
CA ARG B 351 18.17 -29.58 -4.66
C ARG B 351 18.73 -30.19 -3.38
N ARG B 352 20.04 -30.40 -3.33
CA ARG B 352 20.71 -30.94 -2.15
C ARG B 352 20.61 -29.95 -0.98
N ALA B 353 20.91 -28.69 -1.26
CA ALA B 353 20.81 -27.61 -0.27
C ALA B 353 19.42 -27.55 0.36
N LEU B 354 18.38 -27.69 -0.46
CA LEU B 354 17.01 -27.63 0.00
C LEU B 354 16.69 -28.79 0.96
N ILE B 355 16.94 -30.01 0.51
CA ILE B 355 16.59 -31.21 1.28
C ILE B 355 17.39 -31.31 2.57
N GLU B 356 18.66 -30.93 2.52
CA GLU B 356 19.52 -30.97 3.70
C GLU B 356 19.02 -30.10 4.84
N THR B 357 18.59 -28.88 4.52
CA THR B 357 18.05 -27.97 5.53
C THR B 357 16.69 -28.46 6.00
N LYS B 358 15.86 -28.90 5.06
CA LYS B 358 14.57 -29.53 5.36
C LYS B 358 14.75 -30.65 6.38
N GLN B 359 15.76 -31.48 6.18
CA GLN B 359 16.07 -32.61 7.07
C GLN B 359 16.50 -32.18 8.47
N ARG B 360 17.36 -31.16 8.54
CA ARG B 360 17.83 -30.66 9.83
C ARG B 360 16.73 -29.89 10.55
N LEU B 361 15.81 -29.31 9.79
CA LEU B 361 14.65 -28.64 10.35
C LEU B 361 13.67 -29.64 10.97
N GLU B 362 13.53 -30.80 10.34
CA GLU B 362 12.73 -31.90 10.89
C GLU B 362 13.37 -32.41 12.17
N ALA B 363 14.69 -32.59 12.13
CA ALA B 363 15.49 -33.08 13.24
C ALA B 363 15.43 -32.14 14.45
N ALA B 364 15.12 -30.88 14.20
CA ALA B 364 15.05 -29.86 15.25
C ALA B 364 13.63 -29.63 15.75
N GLY B 365 12.70 -30.52 15.40
CA GLY B 365 11.33 -30.48 15.93
C GLY B 365 10.33 -29.67 15.14
N HIS B 366 10.78 -29.05 14.04
CA HIS B 366 9.88 -28.32 13.16
C HIS B 366 9.17 -29.29 12.22
N THR B 367 7.86 -29.14 12.10
CA THR B 367 7.07 -30.01 11.23
C THR B 367 7.11 -29.44 9.80
N LEU B 368 7.50 -30.30 8.85
CA LEU B 368 7.68 -29.88 7.46
C LEU B 368 6.53 -30.36 6.59
N ILE B 369 6.05 -29.46 5.73
CA ILE B 369 4.81 -29.68 4.97
C ILE B 369 5.03 -29.37 3.50
N PRO B 370 4.80 -30.35 2.61
CA PRO B 370 4.82 -30.06 1.17
C PRO B 370 3.78 -28.99 0.83
N PHE B 371 4.23 -27.96 0.10
CA PHE B 371 3.40 -26.81 -0.25
C PHE B 371 3.96 -26.19 -1.52
N LEU B 372 3.08 -25.93 -2.49
CA LEU B 372 3.47 -25.23 -3.73
C LEU B 372 2.40 -24.22 -4.13
N PRO B 373 2.82 -22.95 -4.39
CA PRO B 373 1.89 -21.94 -4.86
C PRO B 373 1.26 -22.36 -6.17
N ASN B 374 -0.05 -22.16 -6.28
CA ASN B 374 -0.80 -22.56 -7.46
C ASN B 374 -0.40 -21.71 -8.66
N ASN B 375 -0.62 -22.25 -9.87
CA ASN B 375 -0.45 -21.50 -11.12
C ASN B 375 0.81 -20.64 -11.22
N ILE B 376 1.97 -21.22 -10.92
CA ILE B 376 3.23 -20.48 -11.06
C ILE B 376 3.47 -20.01 -12.50
N PRO B 377 3.29 -20.89 -13.51
CA PRO B 377 3.46 -20.43 -14.90
C PRO B 377 2.55 -19.24 -15.24
N TYR B 378 1.35 -19.23 -14.68
CA TYR B 378 0.41 -18.13 -14.89
C TYR B 378 0.88 -16.85 -14.21
N ALA B 379 1.44 -17.00 -13.00
CA ALA B 379 1.92 -15.86 -12.22
C ALA B 379 3.16 -15.21 -12.83
N LEU B 380 3.99 -16.02 -13.50
CA LEU B 380 5.23 -15.52 -14.10
C LEU B 380 4.99 -14.93 -15.48
N GLU B 381 4.34 -15.71 -16.33
CA GLU B 381 4.20 -15.38 -17.75
C GLU B 381 3.21 -14.24 -18.02
N VAL B 382 2.10 -14.20 -17.29
CA VAL B 382 1.09 -13.17 -17.53
C VAL B 382 1.05 -12.05 -16.48
N LEU B 383 1.17 -12.40 -15.20
CA LEU B 383 1.09 -11.41 -14.12
C LEU B 383 2.40 -10.63 -13.93
N SER B 384 3.48 -11.35 -13.59
CA SER B 384 4.78 -10.72 -13.32
C SER B 384 5.39 -10.05 -14.55
N ALA B 385 5.34 -10.74 -15.69
CA ALA B 385 5.87 -10.19 -16.93
C ALA B 385 5.02 -9.01 -17.39
N GLY B 386 3.71 -9.15 -17.28
CA GLY B 386 2.77 -8.10 -17.66
C GLY B 386 2.80 -6.88 -16.75
N GLY B 387 3.09 -7.13 -15.47
CA GLY B 387 3.19 -6.06 -14.49
C GLY B 387 4.36 -5.14 -14.75
N LEU B 388 5.50 -5.74 -15.09
CA LEU B 388 6.73 -4.98 -15.36
C LEU B 388 6.72 -4.31 -16.72
N PHE B 389 5.94 -4.87 -17.65
CA PHE B 389 5.90 -4.36 -19.02
C PHE B 389 4.48 -4.08 -19.51
N SER B 390 3.70 -3.39 -18.68
CA SER B 390 2.32 -3.02 -19.02
C SER B 390 2.26 -2.05 -20.20
N ASP B 391 3.29 -1.22 -20.34
CA ASP B 391 3.36 -0.21 -21.40
C ASP B 391 4.23 -0.66 -22.58
N GLY B 392 4.55 -1.94 -22.62
CA GLY B 392 5.44 -2.50 -23.65
C GLY B 392 6.89 -2.11 -23.43
N GLY B 393 7.18 -1.54 -22.27
CA GLY B 393 8.52 -1.10 -21.93
C GLY B 393 8.95 0.21 -22.56
N ARG B 394 7.98 0.96 -23.08
CA ARG B 394 8.24 2.28 -23.68
C ARG B 394 8.95 3.24 -22.74
N SER B 395 8.51 3.28 -21.48
CA SER B 395 9.10 4.17 -20.47
C SER B 395 10.51 3.72 -20.10
N PHE B 396 10.69 2.40 -20.05
CA PHE B 396 11.99 1.79 -19.81
C PHE B 396 12.96 2.10 -20.95
N LEU B 397 12.46 2.06 -22.19
CA LEU B 397 13.28 2.27 -23.39
C LEU B 397 13.79 3.70 -23.57
N GLN B 398 13.14 4.65 -22.91
CA GLN B 398 13.47 6.06 -23.07
C GLN B 398 14.87 6.39 -22.53
N ASN B 399 15.27 5.67 -21.48
CA ASN B 399 16.60 5.80 -20.88
C ASN B 399 17.75 5.35 -21.80
N PHE B 400 17.40 4.62 -22.86
CA PHE B 400 18.39 4.05 -23.78
C PHE B 400 18.56 4.82 -25.09
N LYS B 401 17.95 6.00 -25.19
CA LYS B 401 18.13 6.86 -26.36
C LYS B 401 19.59 7.32 -26.49
N GLY B 402 20.23 6.90 -27.57
CA GLY B 402 21.62 7.27 -27.85
C GLY B 402 22.67 6.70 -26.90
N ASP B 403 22.33 5.60 -26.24
CA ASP B 403 23.21 4.96 -25.28
C ASP B 403 23.66 3.57 -25.76
N PHE B 404 24.73 3.05 -25.18
CA PHE B 404 25.18 1.68 -25.44
C PHE B 404 24.31 0.67 -24.71
N VAL B 405 24.14 -0.50 -25.31
CA VAL B 405 23.42 -1.61 -24.67
C VAL B 405 24.43 -2.67 -24.22
N ASP B 406 24.62 -2.77 -22.91
CA ASP B 406 25.60 -3.70 -22.33
C ASP B 406 25.27 -5.15 -22.70
N PRO B 407 26.28 -5.89 -23.18
CA PRO B 407 26.13 -7.31 -23.53
C PRO B 407 25.42 -8.15 -22.46
N CYS B 408 25.51 -7.73 -21.19
CA CYS B 408 24.89 -8.50 -20.09
C CYS B 408 23.37 -8.46 -20.12
N LEU B 409 22.81 -7.43 -20.75
CA LEU B 409 21.36 -7.30 -20.92
C LEU B 409 20.81 -8.23 -22.00
N GLY B 410 21.71 -8.83 -22.77
CA GLY B 410 21.35 -9.79 -23.81
C GLY B 410 20.52 -9.19 -24.92
N ASP B 411 19.38 -9.81 -25.18
CA ASP B 411 18.50 -9.41 -26.28
C ASP B 411 17.31 -8.59 -25.82
N LEU B 412 17.23 -8.32 -24.52
CA LEU B 412 16.09 -7.62 -23.91
C LEU B 412 15.69 -6.36 -24.68
N ILE B 413 16.69 -5.50 -24.96
CA ILE B 413 16.44 -4.19 -25.52
C ILE B 413 15.89 -4.22 -26.95
N LEU B 414 16.42 -5.10 -27.78
CA LEU B 414 15.93 -5.23 -29.16
C LEU B 414 14.58 -5.95 -29.23
N ILE B 415 14.36 -6.86 -28.28
CA ILE B 415 13.07 -7.55 -28.15
C ILE B 415 11.95 -6.58 -27.77
N LEU B 416 12.25 -5.66 -26.85
CA LEU B 416 11.28 -4.64 -26.44
C LEU B 416 11.01 -3.62 -27.55
N ARG B 417 12.05 -3.30 -28.32
CA ARG B 417 11.96 -2.34 -29.42
C ARG B 417 11.03 -2.78 -30.55
N LEU B 418 10.69 -4.07 -30.57
CA LEU B 418 9.79 -4.62 -31.58
C LEU B 418 8.36 -4.10 -31.43
N PRO B 419 7.68 -3.82 -32.56
CA PRO B 419 6.29 -3.35 -32.51
C PRO B 419 5.33 -4.43 -32.01
N SER B 420 4.27 -4.00 -31.34
CA SER B 420 3.34 -4.92 -30.66
C SER B 420 2.63 -5.90 -31.60
N TRP B 421 2.41 -5.50 -32.85
CA TRP B 421 1.82 -6.40 -33.85
C TRP B 421 2.79 -7.54 -34.19
N PHE B 422 4.10 -7.25 -34.10
CA PHE B 422 5.15 -8.21 -34.40
C PHE B 422 5.52 -9.05 -33.17
N LYS B 423 5.36 -8.46 -31.98
CA LYS B 423 5.48 -9.20 -30.73
C LYS B 423 4.38 -10.26 -30.63
N ARG B 424 3.19 -9.92 -31.11
CA ARG B 424 2.03 -10.81 -31.12
C ARG B 424 2.16 -11.89 -32.19
N LEU B 425 2.70 -11.50 -33.34
CA LEU B 425 2.88 -12.41 -34.48
C LEU B 425 3.84 -13.54 -34.15
N LEU B 426 4.97 -13.19 -33.53
CA LEU B 426 5.95 -14.17 -33.08
C LEU B 426 5.44 -14.99 -31.91
N SER B 427 4.60 -14.38 -31.08
CA SER B 427 4.04 -15.02 -29.90
C SER B 427 3.31 -16.32 -30.23
N LEU B 428 2.35 -16.25 -31.14
CA LEU B 428 1.56 -17.43 -31.49
C LEU B 428 2.11 -18.19 -32.72
N LEU B 429 3.35 -17.87 -33.08
CA LEU B 429 4.11 -18.65 -34.05
C LEU B 429 5.04 -19.59 -33.29
N LEU B 430 5.51 -19.12 -32.13
CA LEU B 430 6.39 -19.89 -31.26
C LEU B 430 5.60 -20.75 -30.27
N LYS B 431 4.31 -20.45 -30.13
CA LYS B 431 3.43 -21.10 -29.15
C LYS B 431 3.49 -22.64 -29.12
N PRO B 432 3.41 -23.29 -30.30
CA PRO B 432 3.50 -24.77 -30.28
C PRO B 432 4.87 -25.28 -29.82
N LEU B 433 5.95 -24.64 -30.24
CA LEU B 433 7.32 -25.10 -29.94
C LEU B 433 7.78 -24.78 -28.52
N PHE B 434 7.88 -23.48 -28.21
CA PHE B 434 8.39 -23.04 -26.92
C PHE B 434 7.39 -22.11 -26.24
N PRO B 435 6.51 -22.68 -25.41
CA PRO B 435 5.43 -21.94 -24.75
C PRO B 435 5.92 -20.84 -23.80
N ARG B 436 7.06 -21.07 -23.14
CA ARG B 436 7.64 -20.11 -22.19
C ARG B 436 7.96 -18.77 -22.85
N LEU B 437 8.75 -18.84 -23.93
CA LEU B 437 9.15 -17.66 -24.69
C LEU B 437 7.94 -16.97 -25.32
N ALA B 438 7.00 -17.77 -25.78
CA ALA B 438 5.78 -17.29 -26.44
C ALA B 438 4.89 -16.48 -25.51
N ALA B 439 4.70 -16.97 -24.28
CA ALA B 439 3.84 -16.33 -23.30
C ALA B 439 4.49 -15.10 -22.66
N PHE B 440 5.82 -15.07 -22.64
CA PHE B 440 6.56 -13.91 -22.17
C PHE B 440 6.52 -12.78 -23.19
N LEU B 441 6.69 -13.14 -24.46
CA LEU B 441 6.74 -12.18 -25.55
C LEU B 441 5.41 -11.47 -25.75
N ASN B 442 4.32 -12.16 -25.47
CA ASN B 442 2.99 -11.59 -25.56
C ASN B 442 2.68 -10.63 -24.42
N SER B 443 3.26 -10.92 -23.24
CA SER B 443 3.04 -10.11 -22.05
C SER B 443 3.88 -8.85 -22.02
N MET B 444 4.72 -8.68 -23.05
CA MET B 444 5.55 -7.49 -23.20
C MET B 444 4.97 -6.53 -24.24
N ARG B 445 3.66 -6.65 -24.47
CA ARG B 445 2.93 -5.77 -25.37
C ARG B 445 2.24 -4.66 -24.58
N PRO B 446 2.13 -3.45 -25.15
CA PRO B 446 1.42 -2.34 -24.51
C PRO B 446 -0.07 -2.63 -24.27
N ARG B 447 -0.57 -2.15 -23.14
CA ARG B 447 -1.98 -2.31 -22.75
C ARG B 447 -2.64 -0.94 -22.58
N SER B 448 -3.97 -0.94 -22.55
CA SER B 448 -4.73 0.25 -22.16
C SER B 448 -4.85 0.30 -20.64
N ALA B 449 -5.19 1.46 -20.10
CA ALA B 449 -5.38 1.64 -18.65
C ALA B 449 -6.46 0.71 -18.12
N GLU B 450 -7.47 0.45 -18.96
CA GLU B 450 -8.52 -0.53 -18.69
C GLU B 450 -7.94 -1.92 -18.45
N LYS B 451 -6.98 -2.31 -19.28
CA LYS B 451 -6.34 -3.63 -19.21
C LYS B 451 -5.41 -3.77 -18.01
N LEU B 452 -4.79 -2.66 -17.59
CA LEU B 452 -3.93 -2.65 -16.42
C LEU B 452 -4.73 -2.92 -15.14
N TRP B 453 -5.87 -2.23 -15.00
CA TRP B 453 -6.80 -2.48 -13.89
C TRP B 453 -7.16 -3.95 -13.78
N LYS B 454 -7.49 -4.55 -14.93
CA LYS B 454 -7.84 -5.96 -15.02
C LYS B 454 -6.69 -6.83 -14.51
N LEU B 455 -5.46 -6.49 -14.92
CA LEU B 455 -4.26 -7.20 -14.49
C LEU B 455 -3.92 -6.97 -13.01
N GLN B 456 -4.13 -5.75 -12.54
CA GLN B 456 -3.91 -5.38 -11.14
C GLN B 456 -4.86 -6.14 -10.22
N HIS B 457 -6.11 -6.32 -10.68
CA HIS B 457 -7.11 -7.08 -9.94
C HIS B 457 -6.79 -8.58 -9.91
N GLU B 458 -6.22 -9.08 -11.00
CA GLU B 458 -5.81 -10.47 -11.07
C GLU B 458 -4.67 -10.76 -10.12
N ILE B 459 -3.77 -9.78 -9.96
CA ILE B 459 -2.69 -9.85 -8.98
C ILE B 459 -3.24 -9.87 -7.54
N GLU B 460 -4.28 -9.08 -7.30
CA GLU B 460 -4.94 -9.03 -5.98
C GLU B 460 -5.67 -10.33 -5.64
N MET B 461 -6.28 -10.95 -6.65
CA MET B 461 -6.97 -12.23 -6.48
C MET B 461 -5.98 -13.38 -6.27
N TYR B 462 -4.90 -13.39 -7.05
CA TYR B 462 -3.85 -14.41 -6.92
C TYR B 462 -3.22 -14.35 -5.54
N ARG B 463 -2.91 -13.13 -5.08
CA ARG B 463 -2.33 -12.91 -3.75
CA ARG B 463 -2.34 -12.91 -3.76
C ARG B 463 -3.25 -13.50 -2.67
N GLN B 464 -4.57 -13.35 -2.87
CA GLN B 464 -5.55 -13.90 -1.93
C GLN B 464 -5.68 -15.42 -2.07
N SER B 465 -5.42 -15.95 -3.26
CA SER B 465 -5.50 -17.40 -3.50
C SER B 465 -4.33 -18.14 -2.85
N VAL B 466 -3.14 -17.54 -2.90
CA VAL B 466 -1.95 -18.14 -2.28
C VAL B 466 -2.05 -18.06 -0.75
N ILE B 467 -2.58 -16.95 -0.24
CA ILE B 467 -2.87 -16.83 1.20
C ILE B 467 -3.90 -17.89 1.64
N ALA B 468 -4.88 -18.16 0.79
CA ALA B 468 -5.90 -19.17 1.06
C ALA B 468 -5.32 -20.58 1.23
N GLN B 469 -4.34 -20.92 0.39
CA GLN B 469 -3.58 -22.16 0.52
C GLN B 469 -2.77 -22.17 1.81
N TRP B 470 -2.05 -21.07 2.03
CA TRP B 470 -1.20 -20.87 3.19
C TRP B 470 -1.97 -21.13 4.48
N LYS B 471 -3.16 -20.56 4.59
CA LYS B 471 -4.00 -20.72 5.78
C LYS B 471 -4.55 -22.14 5.87
N ALA B 472 -4.97 -22.69 4.72
CA ALA B 472 -5.50 -24.05 4.65
C ALA B 472 -4.51 -25.09 5.23
N MET B 473 -3.21 -24.87 5.00
CA MET B 473 -2.17 -25.74 5.54
C MET B 473 -1.63 -25.23 6.88
N ASN B 474 -2.19 -24.11 7.35
CA ASN B 474 -1.79 -23.49 8.62
C ASN B 474 -0.27 -23.30 8.71
N LEU B 475 0.30 -22.62 7.71
CA LEU B 475 1.74 -22.41 7.66
C LEU B 475 2.18 -21.23 8.52
N ASP B 476 3.39 -21.34 9.07
CA ASP B 476 4.06 -20.21 9.66
C ASP B 476 4.93 -19.56 8.58
N VAL B 477 5.71 -20.39 7.89
CA VAL B 477 6.77 -19.91 7.01
C VAL B 477 6.98 -20.89 5.85
N LEU B 478 7.64 -20.44 4.79
CA LEU B 478 7.82 -21.24 3.58
C LEU B 478 9.29 -21.37 3.16
N LEU B 479 9.72 -22.60 2.90
CA LEU B 479 11.10 -22.88 2.46
C LEU B 479 11.14 -23.11 0.95
N THR B 480 12.07 -22.44 0.29
CA THR B 480 12.13 -22.40 -1.17
C THR B 480 13.59 -22.58 -1.62
N PRO B 481 13.80 -23.23 -2.78
CA PRO B 481 15.13 -23.25 -3.34
C PRO B 481 15.50 -21.87 -3.83
N MET B 482 16.79 -21.57 -3.86
CA MET B 482 17.26 -20.30 -4.37
C MET B 482 18.21 -20.52 -5.55
N LEU B 483 17.83 -19.99 -6.70
CA LEU B 483 18.61 -20.13 -7.94
C LEU B 483 20.10 -19.93 -7.68
N GLY B 484 20.85 -21.01 -7.84
CA GLY B 484 22.30 -21.00 -7.63
C GLY B 484 22.92 -22.25 -8.21
N PRO B 485 24.27 -22.31 -8.25
CA PRO B 485 25.19 -21.26 -7.83
C PRO B 485 25.36 -20.18 -8.90
N ALA B 486 26.27 -19.23 -8.65
CA ALA B 486 26.53 -18.12 -9.57
C ALA B 486 26.62 -18.55 -11.03
N LEU B 487 25.93 -17.82 -11.90
CA LEU B 487 25.99 -18.04 -13.33
C LEU B 487 27.23 -17.38 -13.93
N ASP B 488 27.69 -17.89 -15.07
CA ASP B 488 28.82 -17.28 -15.78
C ASP B 488 28.46 -15.90 -16.29
N LEU B 489 29.47 -15.04 -16.47
CA LEU B 489 29.26 -13.66 -16.92
C LEU B 489 28.57 -13.59 -18.27
N ASN B 490 27.57 -12.73 -18.38
CA ASN B 490 26.81 -12.49 -19.62
C ASN B 490 25.77 -13.55 -19.99
N THR B 491 25.33 -14.32 -19.00
CA THR B 491 24.30 -15.35 -19.22
C THR B 491 22.97 -15.12 -18.46
N PRO B 492 23.01 -14.43 -17.29
CA PRO B 492 21.76 -14.07 -16.62
C PRO B 492 20.77 -13.35 -17.55
N GLY B 493 21.30 -12.54 -18.46
CA GLY B 493 20.48 -11.80 -19.42
C GLY B 493 19.97 -12.65 -20.56
N ARG B 494 20.40 -13.91 -20.59
CA ARG B 494 19.99 -14.85 -21.64
C ARG B 494 19.29 -16.07 -21.06
N ALA B 495 19.05 -16.04 -19.76
CA ALA B 495 18.35 -17.11 -19.03
C ALA B 495 17.24 -16.53 -18.16
N THR B 496 16.32 -15.81 -18.80
CA THR B 496 15.30 -15.01 -18.10
C THR B 496 14.37 -15.83 -17.22
N GLY B 497 14.15 -17.09 -17.60
CA GLY B 497 13.27 -17.99 -16.85
C GLY B 497 13.72 -18.31 -15.43
N ALA B 498 14.99 -18.04 -15.13
CA ALA B 498 15.56 -18.37 -13.82
C ALA B 498 15.12 -17.41 -12.69
N ILE B 499 14.41 -16.35 -13.05
CA ILE B 499 13.86 -15.41 -12.06
C ILE B 499 12.66 -16.01 -11.32
N SER B 500 12.19 -17.16 -11.79
CA SER B 500 10.98 -17.81 -11.28
C SER B 500 10.94 -17.94 -9.76
N TYR B 501 12.04 -18.38 -9.17
CA TYR B 501 12.13 -18.59 -7.73
C TYR B 501 12.07 -17.30 -6.91
N THR B 502 12.41 -16.17 -7.54
CA THR B 502 12.46 -14.89 -6.83
C THR B 502 11.29 -13.96 -7.13
N VAL B 503 11.02 -13.77 -8.42
CA VAL B 503 10.06 -12.74 -8.87
C VAL B 503 8.63 -12.98 -8.38
N LEU B 504 8.28 -14.26 -8.19
CA LEU B 504 6.97 -14.66 -7.70
C LEU B 504 6.60 -13.96 -6.39
N TYR B 505 7.60 -13.72 -5.55
CA TYR B 505 7.37 -13.13 -4.24
C TYR B 505 7.41 -11.60 -4.23
N ASN B 506 7.71 -11.03 -5.39
CA ASN B 506 7.48 -9.60 -5.64
C ASN B 506 6.05 -9.41 -6.13
N CYS B 507 5.57 -10.39 -6.90
CA CYS B 507 4.20 -10.42 -7.40
C CYS B 507 3.21 -10.63 -6.25
N LEU B 508 3.54 -11.54 -5.34
CA LEU B 508 2.77 -11.73 -4.11
C LEU B 508 3.01 -10.61 -3.11
N ASP B 509 4.17 -9.95 -3.23
CA ASP B 509 4.64 -8.97 -2.25
C ASP B 509 4.77 -9.58 -0.86
N PHE B 510 5.61 -10.61 -0.76
CA PHE B 510 5.87 -11.31 0.49
C PHE B 510 7.30 -11.02 0.93
N PRO B 511 7.55 -10.95 2.26
CA PRO B 511 8.94 -10.88 2.73
C PRO B 511 9.68 -12.18 2.44
N ALA B 512 10.80 -12.06 1.74
CA ALA B 512 11.60 -13.22 1.35
C ALA B 512 13.07 -12.93 1.55
N GLY B 513 13.77 -13.86 2.18
CA GLY B 513 15.19 -13.70 2.48
C GLY B 513 16.01 -14.93 2.16
N VAL B 514 17.25 -14.73 1.75
CA VAL B 514 18.17 -15.84 1.46
C VAL B 514 19.26 -15.98 2.51
N VAL B 515 19.61 -17.22 2.80
CA VAL B 515 20.68 -17.55 3.74
C VAL B 515 21.55 -18.66 3.14
N PRO B 516 22.86 -18.41 2.98
CA PRO B 516 23.78 -19.40 2.40
C PRO B 516 23.89 -20.63 3.29
N VAL B 517 23.60 -21.81 2.73
CA VAL B 517 23.52 -23.04 3.54
C VAL B 517 24.57 -24.09 3.20
N THR B 518 24.99 -24.14 1.94
CA THR B 518 26.00 -25.10 1.51
C THR B 518 26.96 -24.52 0.48
N THR B 519 27.90 -25.35 0.04
CA THR B 519 28.84 -24.97 -1.00
C THR B 519 28.80 -26.05 -2.09
N VAL B 520 29.09 -25.68 -3.33
CA VAL B 520 29.05 -26.65 -4.42
C VAL B 520 30.22 -27.63 -4.32
N THR B 521 29.89 -28.89 -4.08
CA THR B 521 30.88 -29.98 -4.13
C THR B 521 31.06 -30.41 -5.57
N ALA B 522 32.24 -30.93 -5.89
CA ALA B 522 32.55 -31.43 -7.23
C ALA B 522 31.54 -32.50 -7.69
N GLU B 523 31.03 -33.27 -6.75
CA GLU B 523 29.97 -34.25 -6.98
C GLU B 523 28.71 -33.61 -7.58
N ASP B 524 28.28 -32.47 -7.00
CA ASP B 524 27.11 -31.73 -7.47
C ASP B 524 27.35 -31.16 -8.86
N ASP B 525 28.54 -30.60 -9.05
CA ASP B 525 28.94 -29.97 -10.31
C ASP B 525 28.98 -30.99 -11.46
N ALA B 526 29.38 -32.21 -11.13
CA ALA B 526 29.45 -33.30 -12.11
C ALA B 526 28.06 -33.68 -12.60
N GLN B 527 27.07 -33.65 -11.71
CA GLN B 527 25.69 -34.04 -12.02
C GLN B 527 24.99 -33.04 -12.95
N MET B 528 25.57 -31.86 -13.11
CA MET B 528 25.05 -30.82 -14.02
C MET B 528 25.10 -31.25 -15.48
N GLU B 529 25.74 -32.38 -15.74
CA GLU B 529 25.78 -32.97 -17.08
C GLU B 529 24.49 -33.71 -17.43
N LEU B 530 23.67 -33.96 -16.41
CA LEU B 530 22.41 -34.67 -16.58
C LEU B 530 21.20 -33.73 -16.59
N TYR B 531 21.46 -32.46 -16.29
CA TYR B 531 20.45 -31.40 -16.28
C TYR B 531 19.85 -31.20 -17.68
N LYS B 532 18.52 -31.24 -17.78
CA LYS B 532 17.83 -31.08 -19.06
C LYS B 532 16.83 -29.91 -19.07
N GLY B 533 16.31 -29.58 -17.89
CA GLY B 533 15.22 -28.60 -17.79
C GLY B 533 13.88 -29.26 -18.00
N TYR B 534 12.81 -28.47 -17.97
CA TYR B 534 11.46 -29.00 -18.17
C TYR B 534 10.92 -28.71 -19.56
N PHE B 535 11.61 -27.82 -20.28
CA PHE B 535 11.14 -27.34 -21.57
C PHE B 535 12.18 -27.56 -22.65
N GLY B 536 13.45 -27.43 -22.30
CA GLY B 536 14.56 -27.63 -23.23
C GLY B 536 14.70 -26.54 -24.27
N ASP B 537 14.10 -25.37 -24.02
CA ASP B 537 14.28 -24.20 -24.87
C ASP B 537 15.60 -23.51 -24.55
N ILE B 538 15.89 -22.40 -25.23
CA ILE B 538 17.16 -21.68 -25.01
C ILE B 538 17.40 -21.25 -23.56
N TRP B 539 16.33 -20.91 -22.86
CA TRP B 539 16.46 -20.57 -21.43
C TRP B 539 17.01 -21.74 -20.62
N ASP B 540 16.57 -22.95 -20.98
CA ASP B 540 17.09 -24.17 -20.35
C ASP B 540 18.50 -24.51 -20.83
N ILE B 541 18.79 -24.23 -22.10
CA ILE B 541 20.12 -24.47 -22.66
C ILE B 541 21.18 -23.56 -22.02
N ILE B 542 20.95 -22.26 -22.06
CA ILE B 542 21.89 -21.28 -21.51
C ILE B 542 22.16 -21.52 -20.02
N LEU B 543 21.09 -21.85 -19.28
CA LEU B 543 21.18 -22.10 -17.84
C LEU B 543 21.99 -23.35 -17.51
N LYS B 544 21.90 -24.37 -18.37
CA LYS B 544 22.66 -25.61 -18.21
C LYS B 544 24.17 -25.35 -18.27
N LYS B 545 24.59 -24.51 -19.21
CA LYS B 545 26.00 -24.18 -19.38
C LYS B 545 26.48 -23.23 -18.27
N ALA B 546 25.67 -22.21 -17.99
CA ALA B 546 26.02 -21.14 -17.06
C ALA B 546 26.33 -21.62 -15.64
N MET B 547 25.62 -22.64 -15.17
CA MET B 547 25.79 -23.12 -13.80
C MET B 547 26.91 -24.17 -13.65
N LYS B 548 27.49 -24.58 -14.78
CA LYS B 548 28.63 -25.51 -14.78
C LYS B 548 29.89 -24.88 -14.19
N ASN B 549 30.85 -25.73 -13.82
CA ASN B 549 32.17 -25.29 -13.35
C ASN B 549 32.03 -24.36 -12.15
N SER B 550 31.49 -24.91 -11.06
CA SER B 550 31.07 -24.10 -9.91
C SER B 550 31.57 -24.60 -8.56
N VAL B 551 32.45 -25.60 -8.57
CA VAL B 551 32.98 -26.18 -7.32
C VAL B 551 33.45 -25.08 -6.36
N GLY B 552 32.99 -25.16 -5.11
CA GLY B 552 33.40 -24.22 -4.07
C GLY B 552 32.56 -22.96 -3.95
N LEU B 553 31.63 -22.76 -4.89
CA LEU B 553 30.73 -21.60 -4.86
C LEU B 553 29.56 -21.82 -3.89
N PRO B 554 29.15 -20.75 -3.18
CA PRO B 554 28.08 -20.83 -2.20
C PRO B 554 26.69 -21.09 -2.80
N VAL B 555 25.93 -21.95 -2.14
CA VAL B 555 24.53 -22.19 -2.48
C VAL B 555 23.67 -21.78 -1.29
N ALA B 556 22.60 -21.06 -1.58
CA ALA B 556 21.70 -20.54 -0.56
C ALA B 556 20.31 -21.17 -0.66
N VAL B 557 19.46 -20.82 0.31
CA VAL B 557 18.08 -21.26 0.34
C VAL B 557 17.19 -20.04 0.65
N GLN B 558 15.93 -20.09 0.23
CA GLN B 558 15.02 -18.95 0.39
C GLN B 558 13.96 -19.14 1.46
N CYS B 559 13.79 -18.12 2.29
CA CYS B 559 12.79 -18.11 3.35
C CYS B 559 11.72 -17.07 3.05
N VAL B 560 10.46 -17.52 3.02
CA VAL B 560 9.33 -16.65 2.72
C VAL B 560 8.35 -16.63 3.90
N ALA B 561 7.84 -15.44 4.20
CA ALA B 561 6.77 -15.29 5.19
C ALA B 561 5.63 -14.47 4.60
N LEU B 562 4.52 -14.36 5.34
CA LEU B 562 3.38 -13.56 4.91
C LEU B 562 3.67 -12.06 5.02
N PRO B 563 2.96 -11.22 4.23
CA PRO B 563 3.19 -9.77 4.24
C PRO B 563 3.29 -9.17 5.64
N TRP B 564 4.24 -8.26 5.80
CA TRP B 564 4.48 -7.54 7.06
C TRP B 564 5.12 -8.39 8.16
N GLN B 565 5.33 -9.68 7.90
CA GLN B 565 6.00 -10.56 8.84
C GLN B 565 7.47 -10.72 8.50
N GLU B 566 8.17 -9.59 8.42
CA GLU B 566 9.61 -9.57 8.15
C GLU B 566 10.39 -10.21 9.30
N GLU B 567 10.00 -9.86 10.52
CA GLU B 567 10.66 -10.39 11.72
C GLU B 567 10.45 -11.90 11.92
N LEU B 568 9.34 -12.44 11.40
CA LEU B 568 9.12 -13.89 11.38
C LEU B 568 10.01 -14.54 10.33
N CYS B 569 10.16 -13.87 9.18
CA CYS B 569 11.03 -14.32 8.11
C CYS B 569 12.48 -14.38 8.57
N LEU B 570 12.91 -13.39 9.35
CA LEU B 570 14.25 -13.36 9.94
C LEU B 570 14.45 -14.42 11.03
N ARG B 571 13.39 -14.69 11.80
CA ARG B 571 13.39 -15.75 12.82
C ARG B 571 13.68 -17.11 12.16
N PHE B 572 13.06 -17.34 11.01
CA PHE B 572 13.25 -18.56 10.25
C PHE B 572 14.66 -18.64 9.67
N MET B 573 15.12 -17.52 9.11
CA MET B 573 16.49 -17.41 8.58
C MET B 573 17.53 -17.67 9.67
N ARG B 574 17.26 -17.17 10.87
CA ARG B 574 18.11 -17.39 12.03
C ARG B 574 18.22 -18.88 12.33
N GLU B 575 17.09 -19.58 12.23
CA GLU B 575 17.04 -21.02 12.47
C GLU B 575 17.82 -21.80 11.42
N VAL B 576 17.61 -21.43 10.15
CA VAL B 576 18.27 -22.09 9.02
C VAL B 576 19.78 -21.89 9.08
N GLU B 577 20.20 -20.69 9.46
CA GLU B 577 21.61 -20.36 9.59
C GLU B 577 22.27 -21.18 10.70
N GLN B 578 21.59 -21.26 11.84
CA GLN B 578 22.10 -21.93 13.02
C GLN B 578 22.27 -23.44 12.82
N LEU B 579 21.37 -24.05 12.04
CA LEU B 579 21.40 -25.50 11.81
C LEU B 579 22.34 -25.92 10.69
N MET B 580 22.59 -25.04 9.74
CA MET B 580 23.42 -25.36 8.56
C MET B 580 24.84 -24.81 8.64
N THR B 581 24.98 -23.65 9.28
CA THR B 581 26.30 -23.07 9.54
C THR B 581 26.39 -22.55 10.98
N PRO B 582 26.40 -23.48 11.97
CA PRO B 582 26.37 -23.12 13.40
C PRO B 582 27.53 -22.22 13.87
N GLN B 583 28.61 -22.17 13.08
CA GLN B 583 29.77 -21.33 13.39
C GLN B 583 29.47 -19.83 13.26
N LYS B 584 28.44 -19.49 12.48
CA LYS B 584 27.98 -18.10 12.35
C LYS B 584 27.24 -17.61 13.60
N GLN B 585 27.05 -18.51 14.57
CA GLN B 585 26.46 -18.16 15.86
C GLN B 585 27.20 -18.87 16.99
#